data_8UGY
#
_entry.id   8UGY
#
_cell.length_a   1.00
_cell.length_b   1.00
_cell.length_c   1.00
_cell.angle_alpha   90.00
_cell.angle_beta   90.00
_cell.angle_gamma   90.00
#
_symmetry.space_group_name_H-M   'P 1'
#
loop_
_entity.id
_entity.type
_entity.pdbx_description
1 polymer 'Guanine nucleotide-binding protein G(i) subunit alpha-1'
2 polymer 'Guanine nucleotide-binding protein G(I)/G(S)/G(T) subunit beta-1'
3 polymer 'Guanine nucleotide-binding protein G(I)/G(S)/G(O) subunit gamma-2'
4 polymer '5-hydroxytryptamine receptor 1E'
5 non-polymer CHOLESTEROL
6 non-polymer Mianserin
7 water water
#
loop_
_entity_poly.entity_id
_entity_poly.type
_entity_poly.pdbx_seq_one_letter_code
_entity_poly.pdbx_strand_id
1 'polypeptide(L)'
;MGCTLSAEDKAAVERSKMIDRNLREDGEKAAREVKLLLLGAGESGKNTIVKQMKIIHEAGYSEEECKQYKAVVYSNTIQS
IIAIIRAMGRLKIDFGDSARADDARQLFVLAGAAEEGFMTAELAGVIKRLWKDSGVQACFNRSREYQLNDSAAYYLNDLD
RIAQPNYIPTQQDVLRTRVKTTGIVETHFTFKDLHFKMFDVGAQRSERKKWIHCFEGVTAIIFCVALSDYDLVLAEDEEM
NRMHASMKLFDSICNNKWFTDTSIILFLNKKDLFEEKIKKSPLTICYPEYAGSNTYEEAAAYIQCQFEDLNKRKDTKEIY
THFTCSTDTKNVQFVFDAVTDVIIKNNLKDCGLF
;
A
2 'polypeptide(L)'
;MHHHHHHLEVLFQGPGSSGSELDQLRQEAEQLKNQIRDARKACADATLSQITNNIDPVGRIQMRTRRTLRGHLAKIYAMH
WGTDSRLLVSASQDGKLIIWDSYTTNKVHAIPLRSSWVMTCAYAPSGNYVACGGLDNICSIYNLKTREGNVRVSRELAGH
TGYLSCCRFLDDNQIVTSSGDTTCALWDIETGQQTTTFTGHTGDVMSLSLAPDTRLFVSGACDASAKLWDVREGMCRQTF
TGHESDINAICFFPNGNAFATGSDDATCRLFDLRADQELMTYSHDNIICGITSVSFSKSGRLLLAGYDDFNCNVWDALKA
DRAGVLAGHDNRVSCLGVTDDGMAVATGSWDSFLKIWN
;
B
3 'polypeptide(L)' MASNNTASIAQARKLVEQLKMEANIDRIKVSKAAADLMAYCEAHAKEDPLLTPVPASENPFREKKFFCAIL G
4 'polypeptide(L)'
;TEKMLICMTLVVITTLTTLLNLAVIMAIGTTKKLHQPANYLICSLAVTDLLVAVLVMPLSIIYIVMDRWKLGYFLCEVWL
SVDMTCCTCSIWHLCVIALDRYWAITNAIEYARKRTAKRAALMILTVWTISIFISMPPLFWRSHRRLSPPPSQCTIQHDH
VIYTIYSTLGAFYIPLTLILILYYRIYHAAKSLYQKRGSSRHLSNRSTDSQNSFASCKLTQTFCVSDFSTSDPTTEFEKF
HASIRIPPFDNDLDHPGERQQISSTRERKAARILGLILGAFILSWLPFFIKELIVGLSIYTVSSEVADFLTWLGYVNSLI
NPLLYTSFNEDFKLAFKKL
;
R
#
# COMPACT_ATOMS: atom_id res chain seq x y z
N THR A 4 -36.71 -3.19 12.09
CA THR A 4 -35.40 -2.94 11.51
C THR A 4 -34.97 -4.11 10.62
N LEU A 5 -33.85 -4.75 10.99
CA LEU A 5 -33.34 -5.86 10.20
C LEU A 5 -34.21 -7.09 10.40
N SER A 6 -34.52 -7.77 9.30
CA SER A 6 -35.30 -8.99 9.33
C SER A 6 -34.38 -10.19 9.59
N ALA A 7 -34.94 -11.40 9.51
CA ALA A 7 -34.14 -12.59 9.74
C ALA A 7 -33.07 -12.76 8.67
N GLU A 8 -33.44 -12.54 7.40
CA GLU A 8 -32.47 -12.67 6.32
C GLU A 8 -31.37 -11.61 6.44
N ASP A 9 -31.75 -10.37 6.78
CA ASP A 9 -30.75 -9.33 6.95
C ASP A 9 -29.81 -9.64 8.10
N LYS A 10 -30.34 -10.13 9.22
CA LYS A 10 -29.50 -10.50 10.34
C LYS A 10 -28.57 -11.65 9.99
N ALA A 11 -29.06 -12.62 9.22
CA ALA A 11 -28.19 -13.70 8.76
C ALA A 11 -27.09 -13.18 7.85
N ALA A 12 -27.42 -12.21 6.99
CA ALA A 12 -26.41 -11.62 6.13
C ALA A 12 -25.34 -10.89 6.94
N VAL A 13 -25.75 -10.15 7.97
CA VAL A 13 -24.77 -9.47 8.82
C VAL A 13 -23.92 -10.48 9.58
N GLU A 14 -24.53 -11.56 10.05
CA GLU A 14 -23.75 -12.60 10.73
C GLU A 14 -22.73 -13.23 9.80
N ARG A 15 -23.13 -13.51 8.55
CA ARG A 15 -22.19 -14.06 7.57
C ARG A 15 -21.05 -13.08 7.29
N SER A 16 -21.39 -11.79 7.17
CA SER A 16 -20.35 -10.79 6.94
C SER A 16 -19.38 -10.71 8.10
N LYS A 17 -19.88 -10.79 9.34
CA LYS A 17 -19.01 -10.76 10.51
C LYS A 17 -18.11 -11.99 10.58
N MET A 18 -18.67 -13.16 10.26
CA MET A 18 -17.85 -14.38 10.23
C MET A 18 -16.76 -14.29 9.17
N ILE A 19 -17.11 -13.76 7.99
CA ILE A 19 -16.11 -13.59 6.94
C ILE A 19 -15.04 -12.58 7.36
N ASP A 20 -15.45 -11.51 8.05
CA ASP A 20 -14.47 -10.55 8.55
C ASP A 20 -13.53 -11.20 9.55
N ARG A 21 -14.06 -12.05 10.43
CA ARG A 21 -13.21 -12.78 11.37
C ARG A 21 -12.21 -13.66 10.64
N ASN A 22 -12.68 -14.39 9.61
CA ASN A 22 -11.78 -15.25 8.85
C ASN A 22 -10.70 -14.43 8.14
N LEU A 23 -11.08 -13.29 7.57
CA LEU A 23 -10.09 -12.44 6.89
C LEU A 23 -9.07 -11.90 7.87
N ARG A 24 -9.51 -11.48 9.06
CA ARG A 24 -8.56 -10.98 10.05
C ARG A 24 -7.62 -12.08 10.51
N GLU A 25 -8.13 -13.30 10.72
CA GLU A 25 -7.25 -14.40 11.11
C GLU A 25 -6.24 -14.71 10.02
N ASP A 26 -6.69 -14.74 8.77
CA ASP A 26 -5.77 -15.02 7.66
C ASP A 26 -4.72 -13.93 7.52
N GLY A 27 -5.12 -12.66 7.67
CA GLY A 27 -4.17 -11.58 7.60
C GLY A 27 -3.15 -11.62 8.72
N GLU A 28 -3.60 -11.93 9.94
CA GLU A 28 -2.67 -12.06 11.05
C GLU A 28 -1.70 -13.21 10.82
N LYS A 29 -2.18 -14.32 10.26
CA LYS A 29 -1.30 -15.43 9.94
C LYS A 29 -0.28 -15.06 8.87
N ALA A 30 -0.71 -14.35 7.83
CA ALA A 30 0.16 -14.04 6.70
C ALA A 30 1.06 -12.85 6.93
N ALA A 31 0.81 -12.02 7.95
CA ALA A 31 1.67 -10.89 8.21
C ALA A 31 3.01 -11.30 8.81
N ARG A 32 3.10 -12.51 9.37
CA ARG A 32 4.33 -13.00 9.96
C ARG A 32 5.23 -13.72 8.96
N GLU A 33 4.78 -13.89 7.73
CA GLU A 33 5.56 -14.61 6.73
C GLU A 33 6.54 -13.68 6.04
N VAL A 34 7.72 -14.20 5.74
CA VAL A 34 8.79 -13.43 5.12
C VAL A 34 8.73 -13.65 3.62
N LYS A 35 8.59 -12.56 2.87
CA LYS A 35 8.46 -12.61 1.42
C LYS A 35 9.82 -12.38 0.77
N LEU A 36 10.27 -13.35 -0.02
CA LEU A 36 11.52 -13.25 -0.75
C LEU A 36 11.19 -13.33 -2.24
N LEU A 37 11.77 -12.43 -3.02
CA LEU A 37 11.57 -12.41 -4.47
C LEU A 37 12.87 -12.89 -5.11
N LEU A 38 12.84 -14.09 -5.69
CA LEU A 38 14.03 -14.68 -6.26
C LEU A 38 14.20 -14.23 -7.70
N LEU A 39 15.38 -13.71 -8.01
CA LEU A 39 15.68 -13.22 -9.35
C LEU A 39 17.05 -13.70 -9.78
N GLY A 40 17.25 -13.75 -11.10
CA GLY A 40 18.52 -14.18 -11.64
C GLY A 40 18.51 -14.07 -13.14
N ALA A 41 19.62 -14.51 -13.74
CA ALA A 41 19.76 -14.54 -15.19
C ALA A 41 19.21 -15.85 -15.74
N GLY A 42 19.47 -16.13 -17.01
CA GLY A 42 18.94 -17.34 -17.61
C GLY A 42 19.52 -18.60 -16.99
N GLU A 43 20.83 -18.62 -16.75
CA GLU A 43 21.52 -19.76 -16.15
C GLU A 43 22.26 -19.34 -14.88
N SER A 44 21.61 -18.51 -14.07
CA SER A 44 22.22 -18.04 -12.83
C SER A 44 22.37 -19.15 -11.80
N GLY A 45 21.49 -20.14 -11.81
CA GLY A 45 21.53 -21.21 -10.84
C GLY A 45 20.52 -21.12 -9.72
N LYS A 46 19.45 -20.33 -9.89
CA LYS A 46 18.45 -20.20 -8.85
C LYS A 46 17.71 -21.52 -8.61
N ASN A 47 17.60 -22.36 -9.63
CA ASN A 47 16.93 -23.65 -9.48
C ASN A 47 17.68 -24.54 -8.48
N THR A 48 19.01 -24.54 -8.54
CA THR A 48 19.79 -25.31 -7.58
C THR A 48 19.56 -24.79 -6.16
N ILE A 49 19.47 -23.47 -5.99
CA ILE A 49 19.25 -22.90 -4.67
C ILE A 49 17.88 -23.30 -4.15
N VAL A 50 16.85 -23.24 -4.99
CA VAL A 50 15.51 -23.65 -4.59
C VAL A 50 15.51 -25.12 -4.20
N LYS A 51 16.20 -25.95 -4.99
CA LYS A 51 16.30 -27.37 -4.64
C LYS A 51 16.99 -27.56 -3.29
N GLN A 52 18.02 -26.76 -3.03
CA GLN A 52 18.75 -26.87 -1.76
C GLN A 52 17.83 -26.56 -0.59
N MET A 53 17.18 -25.39 -0.61
CA MET A 53 16.33 -25.04 0.54
C MET A 53 15.09 -25.91 0.61
N LYS A 54 14.49 -26.25 -0.52
CA LYS A 54 13.29 -27.06 -0.52
C LYS A 54 13.35 -28.13 -1.60
N THR A 182 4.70 -23.19 -15.70
CA THR A 182 3.46 -22.43 -15.70
C THR A 182 3.75 -20.93 -15.66
N GLY A 183 3.82 -20.39 -14.45
CA GLY A 183 4.08 -18.98 -14.26
C GLY A 183 4.96 -18.73 -13.05
N ILE A 184 4.54 -17.82 -12.17
CA ILE A 184 5.25 -17.61 -10.92
C ILE A 184 5.24 -18.89 -10.10
N VAL A 185 6.39 -19.22 -9.51
CA VAL A 185 6.53 -20.43 -8.71
C VAL A 185 6.71 -20.01 -7.26
N GLU A 186 5.86 -20.53 -6.38
CA GLU A 186 5.90 -20.22 -4.97
C GLU A 186 6.54 -21.39 -4.22
N THR A 187 7.58 -21.11 -3.45
CA THR A 187 8.27 -22.10 -2.65
C THR A 187 8.13 -21.71 -1.19
N HIS A 188 7.41 -22.52 -0.41
CA HIS A 188 7.18 -22.27 1.00
C HIS A 188 8.06 -23.18 1.82
N PHE A 189 8.88 -22.60 2.70
CA PHE A 189 9.69 -23.40 3.59
C PHE A 189 9.74 -22.74 4.97
N THR A 190 10.28 -23.48 5.94
CA THR A 190 10.32 -23.03 7.32
C THR A 190 11.73 -23.21 7.86
N PHE A 191 12.22 -22.20 8.56
CA PHE A 191 13.54 -22.25 9.19
C PHE A 191 13.48 -21.50 10.51
N LYS A 192 13.78 -22.19 11.61
CA LYS A 192 13.84 -21.60 12.94
C LYS A 192 12.56 -20.83 13.27
N ASP A 193 11.43 -21.50 13.06
CA ASP A 193 10.08 -20.99 13.33
C ASP A 193 9.69 -19.82 12.42
N LEU A 194 10.50 -19.48 11.42
CA LEU A 194 10.15 -18.46 10.45
C LEU A 194 9.66 -19.13 9.18
N HIS A 195 8.58 -18.59 8.61
CA HIS A 195 7.98 -19.12 7.40
C HIS A 195 8.37 -18.22 6.24
N PHE A 196 9.16 -18.75 5.31
CA PHE A 196 9.61 -18.01 4.14
C PHE A 196 8.80 -18.45 2.91
N LYS A 197 8.34 -17.47 2.14
CA LYS A 197 7.74 -17.71 0.84
C LYS A 197 8.62 -17.06 -0.22
N MET A 198 9.15 -17.86 -1.13
CA MET A 198 10.02 -17.39 -2.19
C MET A 198 9.29 -17.44 -3.52
N PHE A 199 9.22 -16.31 -4.20
CA PHE A 199 8.51 -16.18 -5.47
C PHE A 199 9.52 -16.12 -6.60
N ASP A 200 9.50 -17.11 -7.48
CA ASP A 200 10.37 -17.15 -8.64
C ASP A 200 9.57 -16.74 -9.87
N VAL A 201 10.04 -15.71 -10.56
CA VAL A 201 9.35 -15.15 -11.72
C VAL A 201 10.23 -15.28 -12.96
N GLY A 202 11.06 -16.32 -13.00
CA GLY A 202 11.90 -16.54 -14.16
C GLY A 202 11.15 -16.95 -15.40
N ALA A 203 9.93 -17.44 -15.25
CA ALA A 203 9.11 -17.86 -16.38
C ALA A 203 8.30 -16.73 -16.98
N GLN A 204 8.42 -15.50 -16.45
CA GLN A 204 7.68 -14.35 -16.96
C GLN A 204 8.56 -13.65 -17.98
N ARG A 205 8.32 -13.91 -19.26
CA ARG A 205 9.07 -13.30 -20.35
C ARG A 205 8.47 -11.99 -20.83
N SER A 206 7.41 -11.51 -20.18
CA SER A 206 6.74 -10.28 -20.56
C SER A 206 7.53 -9.07 -20.04
N GLU A 207 6.94 -7.88 -20.17
CA GLU A 207 7.59 -6.68 -19.68
C GLU A 207 7.64 -6.68 -18.15
N ARG A 208 8.81 -6.33 -17.61
CA ARG A 208 9.02 -6.42 -16.17
C ARG A 208 8.28 -5.31 -15.44
N LYS A 209 8.22 -4.11 -16.00
CA LYS A 209 7.65 -2.97 -15.29
C LYS A 209 6.13 -3.06 -15.17
N LYS A 210 5.48 -4.00 -15.84
CA LYS A 210 4.03 -4.11 -15.78
C LYS A 210 3.55 -5.04 -14.69
N TRP A 211 4.44 -5.77 -14.02
CA TRP A 211 4.06 -6.58 -12.88
C TRP A 211 5.05 -6.54 -11.73
N ILE A 212 6.11 -5.74 -11.82
CA ILE A 212 7.13 -5.74 -10.78
C ILE A 212 6.59 -5.11 -9.50
N HIS A 213 5.72 -4.10 -9.62
CA HIS A 213 5.20 -3.43 -8.43
C HIS A 213 4.38 -4.37 -7.56
N CYS A 214 3.90 -5.49 -8.12
CA CYS A 214 3.21 -6.49 -7.30
C CYS A 214 4.09 -6.96 -6.16
N PHE A 215 5.41 -6.96 -6.35
CA PHE A 215 6.36 -7.35 -5.31
C PHE A 215 6.95 -6.15 -4.59
N GLU A 216 6.19 -5.06 -4.47
CA GLU A 216 6.70 -3.89 -3.78
C GLU A 216 6.90 -4.15 -2.29
N GLY A 217 6.08 -5.00 -1.69
CA GLY A 217 6.13 -5.22 -0.26
C GLY A 217 6.87 -6.46 0.18
N VAL A 218 7.70 -7.03 -0.70
CA VAL A 218 8.47 -8.22 -0.32
C VAL A 218 9.52 -7.84 0.72
N THR A 219 9.81 -8.78 1.62
CA THR A 219 10.80 -8.52 2.65
C THR A 219 12.19 -8.38 2.08
N ALA A 220 12.54 -9.23 1.11
CA ALA A 220 13.88 -9.15 0.53
C ALA A 220 13.86 -9.65 -0.90
N ILE A 221 14.90 -9.30 -1.65
CA ILE A 221 15.07 -9.73 -3.03
C ILE A 221 16.32 -10.60 -3.08
N ILE A 222 16.14 -11.89 -3.34
CA ILE A 222 17.26 -12.83 -3.41
C ILE A 222 17.74 -12.85 -4.86
N PHE A 223 18.84 -12.17 -5.12
CA PHE A 223 19.43 -12.14 -6.45
C PHE A 223 20.46 -13.25 -6.56
N CYS A 224 20.54 -13.87 -7.74
CA CYS A 224 21.50 -14.92 -8.00
C CYS A 224 22.35 -14.55 -9.21
N VAL A 225 23.67 -14.66 -9.08
CA VAL A 225 24.60 -14.39 -10.16
C VAL A 225 25.52 -15.59 -10.31
N ALA A 226 25.60 -16.13 -11.52
CA ALA A 226 26.48 -17.25 -11.80
C ALA A 226 27.89 -16.72 -12.07
N LEU A 227 28.82 -17.02 -11.16
CA LEU A 227 30.19 -16.58 -11.35
C LEU A 227 30.82 -17.20 -12.60
N SER A 228 30.60 -18.51 -12.80
CA SER A 228 31.23 -19.21 -13.91
C SER A 228 30.77 -18.69 -15.26
N ASP A 229 29.67 -17.95 -15.31
CA ASP A 229 29.20 -17.32 -16.54
C ASP A 229 29.86 -15.98 -16.81
N TYR A 230 31.00 -15.71 -16.19
CA TYR A 230 31.67 -14.43 -16.40
C TYR A 230 32.36 -14.33 -17.75
N ASP A 231 32.76 -15.46 -18.36
CA ASP A 231 33.50 -15.44 -19.62
C ASP A 231 32.74 -16.11 -20.75
N LEU A 232 31.43 -16.30 -20.62
CA LEU A 232 30.63 -17.00 -21.61
C LEU A 232 29.89 -16.01 -22.48
N VAL A 233 30.16 -16.04 -23.78
CA VAL A 233 29.55 -15.12 -24.73
C VAL A 233 28.13 -15.57 -25.07
N ASN A 241 27.76 -12.97 -23.06
CA ASN A 241 28.21 -12.15 -21.94
C ASN A 241 27.13 -12.00 -20.88
N ARG A 242 26.64 -13.12 -20.36
CA ARG A 242 25.57 -13.06 -19.38
C ARG A 242 26.00 -12.42 -18.08
N MET A 243 27.30 -12.27 -17.84
CA MET A 243 27.74 -11.51 -16.67
C MET A 243 27.34 -10.05 -16.78
N HIS A 244 27.54 -9.44 -17.95
CA HIS A 244 27.12 -8.05 -18.14
C HIS A 244 25.61 -7.93 -18.10
N ALA A 245 24.89 -8.91 -18.64
CA ALA A 245 23.43 -8.91 -18.56
C ALA A 245 22.97 -9.00 -17.11
N SER A 246 23.64 -9.83 -16.30
CA SER A 246 23.31 -9.93 -14.89
C SER A 246 23.57 -8.60 -14.18
N MET A 247 24.70 -7.96 -14.49
CA MET A 247 24.98 -6.65 -13.90
C MET A 247 23.91 -5.63 -14.28
N LYS A 248 23.51 -5.61 -15.55
CA LYS A 248 22.50 -4.66 -16.00
C LYS A 248 21.16 -4.91 -15.32
N LEU A 249 20.76 -6.18 -15.20
CA LEU A 249 19.48 -6.48 -14.59
C LEU A 249 19.51 -6.18 -13.09
N PHE A 250 20.65 -6.44 -12.44
CA PHE A 250 20.80 -6.05 -11.04
C PHE A 250 20.69 -4.55 -10.87
N ASP A 251 21.31 -3.79 -11.77
CA ASP A 251 21.22 -2.34 -11.71
C ASP A 251 19.77 -1.87 -11.90
N SER A 252 19.04 -2.51 -12.81
CA SER A 252 17.65 -2.13 -13.02
C SER A 252 16.77 -2.52 -11.85
N ILE A 253 17.11 -3.60 -11.13
CA ILE A 253 16.28 -4.07 -10.04
C ILE A 253 16.52 -3.28 -8.76
N CYS A 254 17.79 -3.18 -8.34
CA CYS A 254 18.06 -2.56 -7.04
C CYS A 254 17.88 -1.04 -7.08
N ASN A 255 17.88 -0.45 -8.27
CA ASN A 255 17.57 0.97 -8.42
C ASN A 255 16.13 1.23 -8.84
N ASN A 256 15.29 0.20 -8.84
CA ASN A 256 13.89 0.39 -9.19
C ASN A 256 13.19 1.23 -8.13
N LYS A 257 12.25 2.07 -8.57
CA LYS A 257 11.56 2.96 -7.65
C LYS A 257 10.72 2.21 -6.64
N TRP A 258 10.31 0.98 -6.94
CA TRP A 258 9.53 0.20 -5.99
C TRP A 258 10.39 -0.39 -4.88
N PHE A 259 11.67 -0.63 -5.15
CA PHE A 259 12.57 -1.31 -4.22
C PHE A 259 13.61 -0.36 -3.65
N THR A 260 13.21 0.87 -3.34
CA THR A 260 14.15 1.83 -2.75
C THR A 260 14.60 1.39 -1.36
N ASP A 261 13.68 0.84 -0.56
CA ASP A 261 13.97 0.45 0.81
C ASP A 261 14.00 -1.07 1.00
N THR A 262 14.00 -1.84 -0.09
CA THR A 262 14.00 -3.29 0.00
C THR A 262 15.42 -3.81 -0.17
N SER A 263 15.86 -4.65 0.76
CA SER A 263 17.21 -5.17 0.75
C SER A 263 17.37 -6.30 -0.25
N ILE A 264 18.58 -6.43 -0.78
CA ILE A 264 18.93 -7.47 -1.75
C ILE A 264 19.93 -8.42 -1.08
N ILE A 265 19.59 -9.70 -1.06
CA ILE A 265 20.50 -10.76 -0.65
C ILE A 265 21.14 -11.31 -1.92
N LEU A 266 22.43 -11.10 -2.09
CA LEU A 266 23.12 -11.48 -3.31
C LEU A 266 23.80 -12.83 -3.13
N PHE A 267 23.62 -13.73 -4.08
CA PHE A 267 24.26 -15.03 -4.09
C PHE A 267 25.18 -15.12 -5.29
N LEU A 268 26.39 -15.61 -5.08
CA LEU A 268 27.38 -15.81 -6.13
C LEU A 268 27.53 -17.32 -6.32
N ASN A 269 26.70 -17.88 -7.19
CA ASN A 269 26.61 -19.32 -7.36
C ASN A 269 27.79 -19.86 -8.16
N LYS A 270 27.99 -21.17 -8.06
CA LYS A 270 28.96 -21.90 -8.87
C LYS A 270 30.37 -21.35 -8.71
N LYS A 271 30.74 -21.01 -7.47
CA LYS A 271 32.10 -20.56 -7.23
C LYS A 271 33.09 -21.72 -7.31
N ASP A 272 32.63 -22.95 -7.04
CA ASP A 272 33.51 -24.10 -7.16
C ASP A 272 33.97 -24.30 -8.60
N LEU A 273 33.06 -24.12 -9.56
CA LEU A 273 33.44 -24.19 -10.97
C LEU A 273 34.23 -22.95 -11.38
N PHE A 274 33.94 -21.80 -10.75
CA PHE A 274 34.69 -20.58 -11.06
C PHE A 274 36.15 -20.70 -10.68
N GLU A 275 36.43 -21.37 -9.55
CA GLU A 275 37.81 -21.49 -9.09
C GLU A 275 38.68 -22.26 -10.07
N GLU A 276 38.08 -23.19 -10.82
CA GLU A 276 38.83 -23.93 -11.83
C GLU A 276 38.72 -23.33 -13.22
N LYS A 277 37.67 -22.55 -13.48
CA LYS A 277 37.55 -21.86 -14.77
C LYS A 277 38.47 -20.65 -14.85
N ILE A 278 38.78 -20.02 -13.72
CA ILE A 278 39.61 -18.82 -13.75
C ILE A 278 41.04 -19.16 -14.18
N LYS A 279 41.51 -20.38 -13.89
CA LYS A 279 42.88 -20.74 -14.23
C LYS A 279 43.12 -20.71 -15.73
N LYS A 280 42.17 -21.23 -16.52
CA LYS A 280 42.35 -21.24 -17.96
C LYS A 280 41.95 -19.93 -18.62
N SER A 281 40.96 -19.24 -18.07
CA SER A 281 40.47 -17.98 -18.64
C SER A 281 40.53 -16.89 -17.59
N PRO A 282 41.31 -15.83 -17.79
CA PRO A 282 41.36 -14.75 -16.81
C PRO A 282 40.07 -13.92 -16.81
N LEU A 283 39.86 -13.22 -15.70
CA LEU A 283 38.69 -12.36 -15.55
C LEU A 283 38.76 -11.12 -16.43
N THR A 284 39.91 -10.82 -17.02
CA THR A 284 40.07 -9.63 -17.85
C THR A 284 39.12 -9.61 -19.04
N ILE A 285 38.63 -10.79 -19.46
CA ILE A 285 37.74 -10.84 -20.61
C ILE A 285 36.46 -10.06 -20.33
N CYS A 286 35.88 -10.23 -19.15
CA CYS A 286 34.66 -9.51 -18.81
C CYS A 286 34.96 -8.12 -18.25
N TYR A 287 36.01 -7.99 -17.45
CA TYR A 287 36.38 -6.73 -16.82
C TYR A 287 37.81 -6.39 -17.20
N PRO A 288 38.03 -5.64 -18.29
CA PRO A 288 39.41 -5.29 -18.67
C PRO A 288 40.13 -4.48 -17.63
N GLU A 289 39.42 -3.71 -16.81
CA GLU A 289 40.05 -2.87 -15.80
C GLU A 289 40.60 -3.65 -14.61
N TYR A 290 40.32 -4.95 -14.54
CA TYR A 290 40.80 -5.75 -13.41
C TYR A 290 42.33 -5.81 -13.39
N ALA A 291 42.89 -5.61 -12.21
CA ALA A 291 44.33 -5.64 -12.02
C ALA A 291 44.67 -6.54 -10.83
N GLY A 292 45.79 -7.23 -10.94
CA GLY A 292 46.25 -8.13 -9.90
C GLY A 292 46.36 -9.56 -10.41
N SER A 293 46.76 -10.44 -9.50
CA SER A 293 46.93 -11.84 -9.83
C SER A 293 45.58 -12.48 -10.14
N ASN A 294 45.62 -13.52 -10.99
CA ASN A 294 44.43 -14.26 -11.39
C ASN A 294 44.08 -15.31 -10.32
N THR A 295 43.83 -14.82 -9.11
CA THR A 295 43.44 -15.65 -7.99
C THR A 295 41.93 -15.58 -7.81
N TYR A 296 41.31 -16.74 -7.58
CA TYR A 296 39.85 -16.77 -7.46
C TYR A 296 39.36 -15.93 -6.28
N GLU A 297 40.17 -15.81 -5.22
CA GLU A 297 39.75 -15.00 -4.08
C GLU A 297 39.67 -13.52 -4.44
N GLU A 298 40.73 -12.99 -5.06
CA GLU A 298 40.73 -11.58 -5.45
C GLU A 298 39.70 -11.32 -6.54
N ALA A 299 39.52 -12.25 -7.47
CA ALA A 299 38.53 -12.09 -8.53
C ALA A 299 37.12 -12.04 -7.94
N ALA A 300 36.83 -12.95 -7.01
CA ALA A 300 35.52 -12.95 -6.36
C ALA A 300 35.30 -11.67 -5.57
N ALA A 301 36.34 -11.19 -4.88
CA ALA A 301 36.24 -9.93 -4.15
C ALA A 301 35.93 -8.78 -5.10
N TYR A 302 36.60 -8.74 -6.25
CA TYR A 302 36.37 -7.67 -7.22
C TYR A 302 34.94 -7.73 -7.76
N ILE A 303 34.47 -8.93 -8.10
CA ILE A 303 33.11 -9.06 -8.64
C ILE A 303 32.09 -8.63 -7.59
N GLN A 304 32.26 -9.07 -6.35
CA GLN A 304 31.36 -8.65 -5.28
C GLN A 304 31.37 -7.14 -5.15
N CYS A 305 32.57 -6.54 -5.02
CA CYS A 305 32.67 -5.10 -4.83
C CYS A 305 32.01 -4.34 -5.97
N GLN A 306 32.12 -4.84 -7.20
CA GLN A 306 31.47 -4.16 -8.31
C GLN A 306 29.95 -4.28 -8.22
N PHE A 307 29.44 -5.43 -7.76
CA PHE A 307 28.00 -5.54 -7.55
C PHE A 307 27.49 -4.58 -6.49
N GLU A 308 28.21 -4.44 -5.35
CA GLU A 308 27.75 -3.40 -4.42
C GLU A 308 28.03 -1.99 -4.93
N ASP A 309 28.95 -1.82 -5.88
CA ASP A 309 29.15 -0.51 -6.49
C ASP A 309 28.03 -0.15 -7.46
N LEU A 310 27.32 -1.15 -7.99
CA LEU A 310 26.15 -0.87 -8.81
C LEU A 310 25.00 -0.25 -8.03
N ASN A 311 25.06 -0.29 -6.70
CA ASN A 311 24.00 0.27 -5.88
C ASN A 311 24.14 1.80 -5.78
N LYS A 312 23.01 2.49 -5.85
CA LYS A 312 22.98 3.94 -5.69
C LYS A 312 22.14 4.38 -4.50
N ARG A 313 21.69 3.45 -3.66
CA ARG A 313 20.92 3.78 -2.47
C ARG A 313 21.61 3.23 -1.23
N LYS A 314 22.93 3.42 -1.14
CA LYS A 314 23.70 2.84 -0.04
C LYS A 314 23.27 3.39 1.32
N ASP A 315 22.66 4.57 1.36
CA ASP A 315 22.20 5.14 2.62
C ASP A 315 20.84 4.62 3.06
N THR A 316 20.16 3.84 2.22
CA THR A 316 18.84 3.31 2.55
C THR A 316 18.82 1.79 2.61
N LYS A 317 19.40 1.12 1.61
CA LYS A 317 19.37 -0.33 1.51
C LYS A 317 20.78 -0.89 1.61
N GLU A 318 20.86 -2.17 1.97
CA GLU A 318 22.12 -2.87 2.08
C GLU A 318 22.05 -4.16 1.26
N ILE A 319 23.20 -4.57 0.72
CA ILE A 319 23.31 -5.76 -0.11
C ILE A 319 24.11 -6.80 0.66
N TYR A 320 23.47 -7.93 0.95
CA TYR A 320 24.11 -9.03 1.65
C TYR A 320 24.61 -10.03 0.61
N THR A 321 25.92 -10.26 0.57
CA THR A 321 26.55 -11.13 -0.41
C THR A 321 27.00 -12.42 0.25
N HIS A 322 26.69 -13.55 -0.39
CA HIS A 322 27.06 -14.86 0.12
C HIS A 322 27.43 -15.77 -1.04
N PHE A 323 28.27 -16.75 -0.76
CA PHE A 323 28.71 -17.74 -1.74
C PHE A 323 28.08 -19.08 -1.39
N THR A 324 27.49 -19.75 -2.39
CA THR A 324 26.67 -20.93 -2.12
C THR A 324 27.49 -22.06 -1.52
N CYS A 325 28.68 -22.32 -2.08
CA CYS A 325 29.61 -23.35 -1.59
C CYS A 325 29.00 -24.75 -1.62
N SER A 326 27.98 -24.97 -2.43
CA SER A 326 27.42 -26.30 -2.70
C SER A 326 26.96 -27.00 -1.42
N THR A 327 26.38 -26.24 -0.49
CA THR A 327 25.72 -26.81 0.66
C THR A 327 24.58 -25.90 1.07
N ASP A 328 23.58 -26.49 1.74
CA ASP A 328 22.32 -25.81 2.00
C ASP A 328 22.18 -25.26 3.42
N THR A 329 22.81 -25.90 4.40
CA THR A 329 22.60 -25.52 5.79
C THR A 329 22.98 -24.06 6.03
N LYS A 330 24.24 -23.72 5.80
CA LYS A 330 24.68 -22.34 6.02
C LYS A 330 24.08 -21.39 5.00
N ASN A 331 23.64 -21.89 3.85
CA ASN A 331 22.96 -21.04 2.87
C ASN A 331 21.64 -20.51 3.43
N VAL A 332 20.79 -21.42 3.91
CA VAL A 332 19.54 -21.00 4.55
C VAL A 332 19.84 -20.23 5.82
N GLN A 333 20.92 -20.56 6.52
CA GLN A 333 21.30 -19.79 7.70
C GLN A 333 21.61 -18.34 7.35
N PHE A 334 22.32 -18.12 6.24
CA PHE A 334 22.61 -16.76 5.81
C PHE A 334 21.35 -16.03 5.38
N VAL A 335 20.45 -16.72 4.68
CA VAL A 335 19.18 -16.08 4.31
C VAL A 335 18.41 -15.67 5.57
N PHE A 336 18.37 -16.56 6.55
CA PHE A 336 17.68 -16.26 7.80
C PHE A 336 18.33 -15.10 8.55
N ASP A 337 19.66 -15.07 8.56
CA ASP A 337 20.36 -13.97 9.23
C ASP A 337 20.08 -12.64 8.55
N ALA A 338 20.09 -12.61 7.22
CA ALA A 338 19.77 -11.37 6.51
C ALA A 338 18.34 -10.95 6.77
N VAL A 339 17.41 -11.90 6.81
CA VAL A 339 16.01 -11.57 7.07
C VAL A 339 15.85 -11.00 8.48
N THR A 340 16.51 -11.61 9.46
CA THR A 340 16.42 -11.09 10.83
C THR A 340 17.05 -9.71 10.93
N ASP A 341 18.14 -9.48 10.21
CA ASP A 341 18.75 -8.15 10.20
C ASP A 341 17.80 -7.12 9.61
N VAL A 342 17.11 -7.48 8.52
CA VAL A 342 16.14 -6.56 7.91
C VAL A 342 14.99 -6.28 8.88
N ILE A 343 14.52 -7.32 9.58
CA ILE A 343 13.43 -7.15 10.53
C ILE A 343 13.84 -6.23 11.69
N ILE A 344 15.06 -6.42 12.21
CA ILE A 344 15.55 -5.56 13.27
C ILE A 344 15.71 -4.13 12.77
N LYS A 345 16.16 -3.96 11.53
CA LYS A 345 16.27 -2.62 10.95
C LYS A 345 14.91 -1.95 10.86
N ASN A 346 13.89 -2.70 10.44
CA ASN A 346 12.54 -2.14 10.38
C ASN A 346 12.02 -1.79 11.76
N ASN A 347 12.29 -2.62 12.76
CA ASN A 347 11.87 -2.31 14.12
C ASN A 347 12.56 -1.07 14.66
N LEU A 348 13.86 -0.91 14.36
CA LEU A 348 14.59 0.29 14.74
C LEU A 348 14.13 1.53 13.99
N LYS A 349 13.68 1.37 12.75
CA LYS A 349 13.15 2.48 11.95
C LYS A 349 11.77 2.91 12.41
N ASP A 350 10.96 1.98 12.92
CA ASP A 350 9.67 2.36 13.50
C ASP A 350 9.85 3.33 14.67
N CYS A 351 10.94 3.18 15.43
CA CYS A 351 11.25 4.10 16.52
C CYS A 351 12.05 5.31 16.05
N GLY A 352 12.42 5.36 14.77
CA GLY A 352 13.22 6.44 14.25
C GLY A 352 14.72 6.29 14.43
N LEU A 353 15.16 5.25 15.13
CA LEU A 353 16.58 5.05 15.44
C LEU A 353 17.38 4.52 14.26
N PHE A 354 16.82 4.53 13.05
CA PHE A 354 17.54 4.08 11.87
C PHE A 354 17.21 4.94 10.66
N LEU B 25 6.05 -6.99 -49.38
CA LEU B 25 7.32 -6.90 -48.69
C LEU B 25 7.30 -5.81 -47.63
N ARG B 26 8.45 -5.57 -47.02
CA ARG B 26 8.54 -4.57 -45.95
C ARG B 26 8.43 -3.14 -46.48
N GLN B 27 8.69 -2.92 -47.76
CA GLN B 27 8.58 -1.58 -48.31
C GLN B 27 7.13 -1.15 -48.55
N GLU B 28 6.26 -2.09 -48.91
CA GLU B 28 4.88 -1.75 -49.21
C GLU B 28 4.06 -1.44 -47.96
N ALA B 29 4.50 -1.94 -46.79
CA ALA B 29 3.78 -1.68 -45.55
C ALA B 29 3.75 -0.19 -45.23
N GLU B 30 4.88 0.49 -45.42
CA GLU B 30 4.93 1.93 -45.18
C GLU B 30 4.01 2.68 -46.14
N GLN B 31 4.00 2.26 -47.40
CA GLN B 31 3.12 2.92 -48.39
C GLN B 31 1.66 2.75 -48.02
N LEU B 32 1.26 1.55 -47.60
CA LEU B 32 -0.13 1.34 -47.21
C LEU B 32 -0.48 2.06 -45.92
N LYS B 33 0.48 2.15 -44.98
CA LYS B 33 0.23 2.94 -43.78
C LYS B 33 0.03 4.41 -44.11
N ASN B 34 0.83 4.94 -45.04
CA ASN B 34 0.63 6.31 -45.49
C ASN B 34 -0.72 6.48 -46.17
N GLN B 35 -1.12 5.47 -46.95
CA GLN B 35 -2.44 5.52 -47.59
C GLN B 35 -3.56 5.55 -46.56
N ILE B 36 -3.46 4.74 -45.52
CA ILE B 36 -4.47 4.75 -44.46
C ILE B 36 -4.50 6.09 -43.75
N ARG B 37 -3.32 6.66 -43.47
CA ARG B 37 -3.27 7.96 -42.82
C ARG B 37 -3.91 9.03 -43.70
N ASP B 38 -3.65 8.98 -45.00
CA ASP B 38 -4.25 9.95 -45.92
C ASP B 38 -5.77 9.79 -45.97
N ALA B 39 -6.25 8.54 -45.99
CA ALA B 39 -7.70 8.32 -45.97
C ALA B 39 -8.32 8.85 -44.69
N ARG B 40 -7.66 8.61 -43.55
CA ARG B 40 -8.17 9.12 -42.28
C ARG B 40 -8.20 10.64 -42.26
N LYS B 41 -7.15 11.28 -42.80
CA LYS B 41 -7.12 12.73 -42.87
C LYS B 41 -8.23 13.25 -43.77
N ALA B 42 -8.47 12.57 -44.89
CA ALA B 42 -9.55 12.98 -45.78
C ALA B 42 -10.91 12.86 -45.10
N CYS B 43 -11.09 11.80 -44.30
CA CYS B 43 -12.36 11.62 -43.58
C CYS B 43 -12.51 12.59 -42.41
N ALA B 44 -11.44 13.27 -42.00
CA ALA B 44 -11.48 14.19 -40.86
C ALA B 44 -11.87 15.59 -41.35
N ASP B 45 -13.13 15.70 -41.77
CA ASP B 45 -13.63 17.00 -42.22
C ASP B 45 -13.70 18.01 -41.08
N ALA B 46 -14.13 17.56 -39.91
CA ALA B 46 -14.27 18.43 -38.74
C ALA B 46 -13.70 17.72 -37.52
N THR B 47 -13.82 18.38 -36.36
CA THR B 47 -13.34 17.84 -35.10
C THR B 47 -14.49 17.78 -34.11
N LEU B 48 -14.39 16.83 -33.17
CA LEU B 48 -15.44 16.66 -32.17
C LEU B 48 -15.56 17.90 -31.29
N SER B 49 -14.43 18.51 -30.92
CA SER B 49 -14.48 19.67 -30.05
C SER B 49 -15.19 20.84 -30.71
N GLN B 50 -14.95 21.06 -32.00
CA GLN B 50 -15.58 22.17 -32.72
C GLN B 50 -17.04 21.92 -33.02
N ILE B 51 -17.52 20.68 -32.89
CA ILE B 51 -18.95 20.39 -33.09
C ILE B 51 -19.73 20.51 -31.79
N THR B 52 -19.16 20.04 -30.68
CA THR B 52 -19.78 20.19 -29.36
C THR B 52 -19.42 21.51 -28.70
N ASN B 53 -19.05 22.53 -29.49
CA ASN B 53 -18.67 23.81 -28.90
C ASN B 53 -19.88 24.55 -28.34
N ASN B 54 -21.02 24.45 -29.00
CA ASN B 54 -22.19 25.24 -28.62
C ASN B 54 -23.08 24.55 -27.59
N ILE B 55 -22.85 23.29 -27.28
CA ILE B 55 -23.69 22.58 -26.32
C ILE B 55 -23.28 22.98 -24.90
N ASP B 56 -24.26 23.06 -24.02
CA ASP B 56 -24.03 23.58 -22.67
C ASP B 56 -23.17 22.60 -21.87
N PRO B 57 -22.11 23.06 -21.22
CA PRO B 57 -21.30 22.15 -20.41
C PRO B 57 -22.05 21.68 -19.17
N VAL B 58 -21.67 20.50 -18.69
CA VAL B 58 -22.30 19.95 -17.50
C VAL B 58 -21.89 20.71 -16.24
N GLY B 59 -20.75 21.39 -16.27
CA GLY B 59 -20.30 22.11 -15.10
C GLY B 59 -19.62 21.20 -14.08
N ARG B 60 -19.44 21.75 -12.89
CA ARG B 60 -18.79 21.00 -11.82
C ARG B 60 -19.64 19.78 -11.43
N ILE B 61 -18.98 18.65 -11.26
CA ILE B 61 -19.63 17.40 -10.87
C ILE B 61 -19.13 17.05 -9.47
N GLN B 62 -20.05 16.99 -8.52
CA GLN B 62 -19.73 16.70 -7.12
C GLN B 62 -20.18 15.29 -6.78
N MET B 63 -19.28 14.52 -6.18
CA MET B 63 -19.57 13.16 -5.75
C MET B 63 -18.99 12.94 -4.36
N ARG B 64 -19.76 12.27 -3.51
CA ARG B 64 -19.34 11.97 -2.15
C ARG B 64 -19.28 10.46 -1.97
N THR B 65 -18.40 10.03 -1.06
CA THR B 65 -18.20 8.61 -0.82
C THR B 65 -19.41 8.02 -0.11
N ARG B 66 -20.36 7.48 -0.88
CA ARG B 66 -21.56 6.92 -0.28
C ARG B 66 -21.23 5.70 0.58
N ARG B 67 -20.35 4.83 0.09
CA ARG B 67 -19.95 3.64 0.85
C ARG B 67 -18.45 3.49 0.83
N THR B 68 -17.91 2.88 1.89
CA THR B 68 -16.48 2.58 1.98
C THR B 68 -16.33 1.13 2.38
N LEU B 69 -16.07 0.28 1.39
CA LEU B 69 -15.91 -1.15 1.63
C LEU B 69 -14.51 -1.44 2.14
N ARG B 70 -14.44 -2.01 3.34
CA ARG B 70 -13.19 -2.38 4.00
C ARG B 70 -13.16 -3.88 4.22
N GLY B 71 -11.95 -4.44 4.26
CA GLY B 71 -11.80 -5.87 4.46
C GLY B 71 -10.62 -6.48 3.72
N HIS B 72 -10.06 -5.75 2.77
CA HIS B 72 -8.87 -6.18 2.08
C HIS B 72 -7.63 -5.75 2.87
N LEU B 73 -6.62 -6.60 2.88
CA LEU B 73 -5.40 -6.34 3.65
C LEU B 73 -4.18 -6.09 2.75
N ALA B 74 -4.39 -5.87 1.46
CA ALA B 74 -3.28 -5.63 0.54
C ALA B 74 -3.81 -4.84 -0.65
N LYS B 75 -2.89 -4.49 -1.55
CA LYS B 75 -3.24 -3.67 -2.70
C LYS B 75 -4.28 -4.37 -3.57
N ILE B 76 -5.29 -3.60 -3.99
CA ILE B 76 -6.38 -4.09 -4.81
C ILE B 76 -6.07 -3.78 -6.27
N TYR B 77 -6.15 -4.79 -7.13
CA TYR B 77 -5.77 -4.61 -8.53
C TYR B 77 -6.91 -4.67 -9.52
N ALA B 78 -8.10 -5.11 -9.11
CA ALA B 78 -9.19 -5.19 -10.07
C ALA B 78 -10.52 -5.26 -9.33
N MET B 79 -11.59 -4.99 -10.08
CA MET B 79 -12.95 -5.19 -9.59
C MET B 79 -13.87 -5.34 -10.79
N HIS B 80 -15.11 -5.73 -10.51
CA HIS B 80 -16.14 -5.77 -11.53
C HIS B 80 -17.50 -5.74 -10.87
N TRP B 81 -18.40 -4.92 -11.40
CA TRP B 81 -19.75 -4.83 -10.88
C TRP B 81 -20.59 -5.99 -11.40
N GLY B 82 -21.69 -6.25 -10.70
CA GLY B 82 -22.65 -7.22 -11.16
C GLY B 82 -23.65 -6.63 -12.13
N THR B 83 -24.38 -7.50 -12.82
CA THR B 83 -25.41 -7.03 -13.75
C THR B 83 -26.54 -6.34 -13.00
N ASP B 84 -26.89 -6.85 -11.83
CA ASP B 84 -27.97 -6.27 -11.04
C ASP B 84 -27.58 -4.95 -10.36
N SER B 85 -26.37 -4.45 -10.61
CA SER B 85 -25.90 -3.17 -10.08
C SER B 85 -25.82 -3.15 -8.56
N ARG B 86 -25.87 -4.31 -7.91
CA ARG B 86 -25.82 -4.39 -6.46
C ARG B 86 -24.58 -5.11 -5.96
N LEU B 87 -24.34 -6.34 -6.41
CA LEU B 87 -23.16 -7.09 -5.99
C LEU B 87 -21.95 -6.69 -6.81
N LEU B 88 -20.78 -6.84 -6.21
CA LEU B 88 -19.53 -6.58 -6.94
C LEU B 88 -18.46 -7.54 -6.45
N VAL B 89 -17.38 -7.63 -7.21
CA VAL B 89 -16.25 -8.50 -6.90
C VAL B 89 -14.98 -7.66 -6.85
N SER B 90 -14.12 -7.94 -5.89
CA SER B 90 -12.86 -7.21 -5.74
C SER B 90 -11.73 -8.18 -5.50
N ALA B 91 -10.59 -7.92 -6.15
CA ALA B 91 -9.42 -8.79 -6.09
C ALA B 91 -8.21 -8.01 -5.60
N SER B 92 -7.51 -8.55 -4.63
CA SER B 92 -6.34 -7.91 -4.02
C SER B 92 -5.23 -8.94 -3.84
N GLN B 93 -4.08 -8.46 -3.40
CA GLN B 93 -2.92 -9.33 -3.15
C GLN B 93 -3.08 -10.19 -1.91
N ASP B 94 -4.23 -10.14 -1.25
CA ASP B 94 -4.50 -11.05 -0.15
C ASP B 94 -4.64 -12.50 -0.60
N GLY B 95 -4.73 -12.73 -1.91
CA GLY B 95 -5.03 -14.06 -2.42
C GLY B 95 -6.46 -14.48 -2.12
N LYS B 96 -7.41 -13.56 -2.22
CA LYS B 96 -8.81 -13.88 -2.03
C LYS B 96 -9.68 -12.83 -2.68
N LEU B 97 -10.56 -13.26 -3.59
CA LEU B 97 -11.61 -12.40 -4.09
C LEU B 97 -12.65 -12.18 -3.00
N ILE B 98 -13.32 -11.04 -3.06
CA ILE B 98 -14.43 -10.75 -2.15
C ILE B 98 -15.63 -10.33 -2.98
N ILE B 99 -16.74 -11.02 -2.80
CA ILE B 99 -18.03 -10.65 -3.38
C ILE B 99 -18.75 -9.81 -2.34
N TRP B 100 -18.83 -8.51 -2.57
CA TRP B 100 -19.49 -7.58 -1.68
C TRP B 100 -20.91 -7.30 -2.14
N ASP B 101 -21.77 -7.01 -1.16
CA ASP B 101 -23.07 -6.40 -1.39
C ASP B 101 -22.88 -4.90 -1.17
N SER B 102 -22.86 -4.14 -2.26
CA SER B 102 -22.48 -2.74 -2.19
C SER B 102 -23.50 -1.91 -1.40
N TYR B 103 -24.77 -2.29 -1.43
CA TYR B 103 -25.79 -1.50 -0.75
C TYR B 103 -25.59 -1.50 0.75
N THR B 104 -25.27 -2.65 1.33
CA THR B 104 -25.21 -2.81 2.79
C THR B 104 -23.80 -3.13 3.29
N THR B 105 -22.81 -3.16 2.41
CA THR B 105 -21.39 -3.38 2.72
C THR B 105 -21.11 -4.80 3.17
N ASN B 106 -22.14 -5.64 3.32
CA ASN B 106 -21.92 -7.01 3.77
C ASN B 106 -21.11 -7.79 2.74
N LYS B 107 -20.15 -8.57 3.23
CA LYS B 107 -19.35 -9.43 2.37
C LYS B 107 -20.14 -10.70 2.09
N VAL B 108 -20.68 -10.82 0.88
CA VAL B 108 -21.45 -12.01 0.54
C VAL B 108 -20.53 -13.23 0.45
N HIS B 109 -19.37 -13.08 -0.16
CA HIS B 109 -18.45 -14.20 -0.32
C HIS B 109 -17.01 -13.75 -0.15
N ALA B 110 -16.16 -14.68 0.28
CA ALA B 110 -14.72 -14.47 0.33
C ALA B 110 -14.06 -15.74 -0.20
N ILE B 111 -13.64 -15.70 -1.46
CA ILE B 111 -13.15 -16.88 -2.18
C ILE B 111 -11.62 -16.86 -2.11
N PRO B 112 -10.99 -17.76 -1.37
CA PRO B 112 -9.52 -17.82 -1.37
C PRO B 112 -8.98 -18.24 -2.72
N LEU B 113 -7.82 -17.70 -3.06
CA LEU B 113 -7.16 -17.99 -4.33
C LEU B 113 -5.97 -18.89 -4.12
N ARG B 114 -5.76 -19.84 -5.03
CA ARG B 114 -4.59 -20.69 -4.97
C ARG B 114 -3.31 -19.88 -5.15
N SER B 115 -3.34 -18.90 -6.05
CA SER B 115 -2.22 -18.00 -6.28
C SER B 115 -2.59 -16.61 -5.79
N SER B 116 -1.76 -16.04 -4.92
CA SER B 116 -2.04 -14.74 -4.33
C SER B 116 -1.80 -13.58 -5.29
N TRP B 117 -1.22 -13.83 -6.45
CA TRP B 117 -0.88 -12.77 -7.41
C TRP B 117 -2.00 -12.68 -8.43
N VAL B 118 -2.97 -11.82 -8.16
CA VAL B 118 -4.13 -11.61 -9.01
C VAL B 118 -4.17 -10.15 -9.41
N MET B 119 -4.33 -9.89 -10.72
CA MET B 119 -4.50 -8.53 -11.20
C MET B 119 -5.70 -8.38 -12.12
N THR B 120 -6.59 -9.35 -12.17
CA THR B 120 -7.83 -9.16 -12.91
C THR B 120 -8.92 -10.03 -12.30
N CYS B 121 -10.15 -9.53 -12.36
CA CYS B 121 -11.32 -10.29 -11.95
C CYS B 121 -12.51 -9.81 -12.76
N ALA B 122 -13.50 -10.69 -12.86
CA ALA B 122 -14.70 -10.41 -13.64
C ALA B 122 -15.87 -11.14 -13.01
N TYR B 123 -17.03 -10.49 -13.03
CA TYR B 123 -18.25 -11.02 -12.44
C TYR B 123 -19.20 -11.36 -13.59
N ALA B 124 -19.65 -12.61 -13.62
CA ALA B 124 -20.39 -13.09 -14.78
C ALA B 124 -21.69 -12.31 -14.94
N PRO B 125 -22.14 -12.11 -16.18
CA PRO B 125 -23.39 -11.37 -16.40
C PRO B 125 -24.60 -12.02 -15.75
N SER B 126 -24.65 -13.36 -15.68
CA SER B 126 -25.73 -14.04 -15.02
C SER B 126 -25.53 -14.13 -13.51
N GLY B 127 -24.36 -13.78 -13.01
CA GLY B 127 -24.08 -13.81 -11.59
C GLY B 127 -23.71 -15.16 -11.02
N ASN B 128 -23.70 -16.21 -11.84
CA ASN B 128 -23.41 -17.54 -11.34
C ASN B 128 -21.92 -17.76 -11.09
N TYR B 129 -21.07 -17.18 -11.92
CA TYR B 129 -19.64 -17.45 -11.88
C TYR B 129 -18.84 -16.17 -11.63
N VAL B 130 -17.59 -16.35 -11.20
CA VAL B 130 -16.65 -15.24 -11.01
C VAL B 130 -15.28 -15.70 -11.43
N ALA B 131 -14.62 -14.96 -12.31
CA ALA B 131 -13.31 -15.32 -12.80
C ALA B 131 -12.24 -14.39 -12.24
N CYS B 132 -11.02 -14.92 -12.10
CA CYS B 132 -9.90 -14.09 -11.66
C CYS B 132 -8.62 -14.61 -12.30
N GLY B 133 -7.60 -13.76 -12.35
CA GLY B 133 -6.34 -14.14 -12.97
C GLY B 133 -5.23 -13.19 -12.63
N GLY B 134 -4.00 -13.68 -12.83
CA GLY B 134 -2.81 -12.91 -12.50
C GLY B 134 -1.53 -13.52 -13.01
N LEU B 135 -0.47 -13.53 -12.20
CA LEU B 135 0.82 -14.05 -12.63
C LEU B 135 0.84 -15.56 -12.80
N ASP B 136 -0.20 -16.26 -12.35
CA ASP B 136 -0.28 -17.70 -12.53
C ASP B 136 -0.70 -18.09 -13.94
N ASN B 137 -0.98 -17.11 -14.79
CA ASN B 137 -1.33 -17.30 -16.20
C ASN B 137 -2.65 -18.05 -16.38
N ILE B 138 -3.52 -18.05 -15.37
CA ILE B 138 -4.75 -18.82 -15.39
C ILE B 138 -5.90 -17.92 -14.97
N CYS B 139 -6.96 -17.88 -15.78
CA CYS B 139 -8.19 -17.20 -15.41
C CYS B 139 -9.12 -18.26 -14.82
N SER B 140 -8.98 -18.50 -13.52
CA SER B 140 -9.79 -19.48 -12.81
C SER B 140 -11.22 -18.97 -12.65
N ILE B 141 -12.18 -19.84 -12.91
CA ILE B 141 -13.60 -19.54 -12.76
C ILE B 141 -14.13 -20.30 -11.56
N TYR B 142 -14.72 -19.57 -10.61
CA TYR B 142 -15.38 -20.12 -9.44
C TYR B 142 -16.89 -20.07 -9.62
N ASN B 143 -17.57 -21.12 -9.18
CA ASN B 143 -19.02 -21.22 -9.25
C ASN B 143 -19.62 -20.71 -7.94
N LEU B 144 -20.41 -19.65 -8.01
CA LEU B 144 -20.98 -19.05 -6.81
C LEU B 144 -22.26 -19.72 -6.35
N LYS B 145 -23.08 -20.21 -7.28
CA LYS B 145 -24.40 -20.76 -6.96
C LYS B 145 -24.39 -22.27 -6.89
N THR B 146 -23.33 -22.86 -6.37
CA THR B 146 -23.23 -24.31 -6.27
C THR B 146 -24.24 -24.84 -5.26
N ARG B 147 -24.54 -26.13 -5.40
CA ARG B 147 -25.54 -26.77 -4.54
C ARG B 147 -25.11 -26.75 -3.08
N GLU B 148 -23.84 -27.06 -2.80
CA GLU B 148 -23.36 -27.17 -1.44
C GLU B 148 -23.21 -25.83 -0.74
N GLY B 149 -23.29 -24.73 -1.46
CA GLY B 149 -23.15 -23.40 -0.86
C GLY B 149 -21.76 -22.81 -0.86
N ASN B 150 -20.77 -23.59 -0.43
CA ASN B 150 -19.39 -23.11 -0.42
C ASN B 150 -18.85 -23.05 -1.85
N VAL B 151 -18.25 -21.92 -2.20
CA VAL B 151 -17.75 -21.73 -3.57
C VAL B 151 -16.59 -22.67 -3.83
N ARG B 152 -16.52 -23.18 -5.06
CA ARG B 152 -15.48 -24.10 -5.47
C ARG B 152 -14.92 -23.65 -6.82
N VAL B 153 -13.68 -24.05 -7.08
CA VAL B 153 -13.03 -23.72 -8.34
C VAL B 153 -13.67 -24.53 -9.45
N SER B 154 -14.54 -23.90 -10.23
CA SER B 154 -15.25 -24.62 -11.28
C SER B 154 -14.32 -25.00 -12.43
N ARG B 155 -13.42 -24.08 -12.81
CA ARG B 155 -12.57 -24.33 -13.96
C ARG B 155 -11.23 -23.63 -13.78
N GLU B 156 -10.17 -24.27 -14.25
CA GLU B 156 -8.83 -23.70 -14.27
C GLU B 156 -8.38 -23.64 -15.73
N LEU B 157 -8.31 -22.43 -16.28
CA LEU B 157 -8.06 -22.23 -17.70
C LEU B 157 -6.58 -21.91 -17.90
N ALA B 158 -5.84 -22.88 -18.44
CA ALA B 158 -4.42 -22.74 -18.68
C ALA B 158 -4.13 -22.79 -20.18
N GLY B 159 -3.03 -22.15 -20.58
CA GLY B 159 -2.68 -22.06 -21.98
C GLY B 159 -2.03 -20.74 -22.33
N HIS B 160 -2.16 -19.75 -21.45
CA HIS B 160 -1.47 -18.48 -21.62
C HIS B 160 -0.06 -18.59 -21.08
N THR B 161 0.89 -17.92 -21.75
CA THR B 161 2.29 -17.97 -21.35
C THR B 161 2.79 -16.64 -20.80
N GLY B 162 1.88 -15.79 -20.32
CA GLY B 162 2.27 -14.51 -19.75
C GLY B 162 1.29 -14.09 -18.68
N TYR B 163 1.69 -13.08 -17.91
CA TYR B 163 0.84 -12.58 -16.84
C TYR B 163 -0.51 -12.16 -17.39
N LEU B 164 -1.57 -12.47 -16.66
CA LEU B 164 -2.92 -12.34 -17.14
C LEU B 164 -3.48 -10.99 -16.72
N SER B 165 -3.73 -10.11 -17.69
CA SER B 165 -4.07 -8.73 -17.37
C SER B 165 -5.56 -8.49 -17.24
N CYS B 166 -6.40 -9.14 -18.06
CA CYS B 166 -7.84 -8.92 -17.99
C CYS B 166 -8.54 -10.06 -18.70
N CYS B 167 -9.44 -10.74 -18.01
CA CYS B 167 -10.32 -11.73 -18.62
C CYS B 167 -11.76 -11.39 -18.25
N ARG B 168 -12.58 -11.06 -19.25
CA ARG B 168 -13.96 -10.64 -19.05
C ARG B 168 -14.90 -11.67 -19.66
N PHE B 169 -16.05 -11.84 -19.03
CA PHE B 169 -17.02 -12.85 -19.43
C PHE B 169 -17.82 -12.42 -20.65
N LEU B 170 -18.46 -13.39 -21.29
CA LEU B 170 -19.49 -13.17 -22.30
C LEU B 170 -20.81 -13.78 -21.90
N ASP B 171 -20.80 -15.03 -21.47
CA ASP B 171 -21.96 -15.71 -20.92
C ASP B 171 -21.45 -16.74 -19.92
N ASP B 172 -22.30 -17.67 -19.50
CA ASP B 172 -21.89 -18.67 -18.54
C ASP B 172 -20.96 -19.73 -19.15
N ASN B 173 -20.78 -19.73 -20.47
CA ASN B 173 -20.05 -20.79 -21.15
C ASN B 173 -18.80 -20.28 -21.85
N GLN B 174 -18.75 -19.00 -22.24
CA GLN B 174 -17.63 -18.44 -22.98
C GLN B 174 -16.99 -17.32 -22.21
N ILE B 175 -15.70 -17.07 -22.49
CA ILE B 175 -14.97 -15.97 -21.85
C ILE B 175 -13.88 -15.52 -22.81
N VAL B 176 -13.53 -14.24 -22.75
CA VAL B 176 -12.37 -13.70 -23.46
C VAL B 176 -11.33 -13.30 -22.43
N THR B 177 -10.06 -13.43 -22.81
CA THR B 177 -8.95 -13.31 -21.88
C THR B 177 -7.79 -12.60 -22.56
N SER B 178 -7.09 -11.75 -21.82
CA SER B 178 -5.95 -11.02 -22.33
C SER B 178 -4.75 -11.25 -21.41
N SER B 179 -3.61 -11.59 -21.98
CA SER B 179 -2.41 -11.90 -21.21
C SER B 179 -1.24 -11.08 -21.73
N GLY B 180 -0.09 -11.25 -21.08
CA GLY B 180 1.15 -10.65 -21.50
C GLY B 180 1.84 -11.38 -22.63
N ASP B 181 1.22 -12.42 -23.17
CA ASP B 181 1.69 -13.13 -24.34
C ASP B 181 1.47 -12.35 -25.63
N THR B 182 1.05 -11.08 -25.53
CA THR B 182 0.72 -10.24 -26.67
C THR B 182 -0.43 -10.81 -27.50
N THR B 183 -1.22 -11.71 -26.91
CA THR B 183 -2.33 -12.34 -27.60
C THR B 183 -3.53 -12.39 -26.67
N CYS B 184 -4.72 -12.44 -27.27
CA CYS B 184 -5.96 -12.66 -26.55
C CYS B 184 -6.52 -14.03 -26.90
N ALA B 185 -7.44 -14.51 -26.09
CA ALA B 185 -8.01 -15.84 -26.29
C ALA B 185 -9.49 -15.83 -25.99
N LEU B 186 -10.21 -16.78 -26.59
CA LEU B 186 -11.62 -17.00 -26.32
C LEU B 186 -11.77 -18.43 -25.84
N TRP B 187 -12.01 -18.60 -24.54
CA TRP B 187 -12.10 -19.91 -23.91
C TRP B 187 -13.55 -20.35 -23.78
N ASP B 188 -13.76 -21.65 -23.96
CA ASP B 188 -15.02 -22.31 -23.63
C ASP B 188 -14.82 -23.00 -22.29
N ILE B 189 -15.47 -22.47 -21.24
CA ILE B 189 -15.23 -22.99 -19.89
C ILE B 189 -15.62 -24.46 -19.79
N GLU B 190 -16.73 -24.85 -20.41
CA GLU B 190 -17.16 -26.24 -20.33
C GLU B 190 -16.12 -27.19 -20.90
N THR B 191 -15.60 -26.86 -22.09
CA THR B 191 -14.55 -27.68 -22.68
C THR B 191 -13.22 -27.46 -21.99
N GLY B 192 -12.88 -26.21 -21.69
CA GLY B 192 -11.65 -25.88 -20.99
C GLY B 192 -10.49 -25.47 -21.86
N GLN B 193 -10.69 -25.28 -23.16
CA GLN B 193 -9.62 -24.95 -24.07
C GLN B 193 -10.04 -23.79 -24.97
N GLN B 194 -9.04 -23.08 -25.49
CA GLN B 194 -9.30 -21.94 -26.35
C GLN B 194 -10.01 -22.38 -27.63
N THR B 195 -10.95 -21.55 -28.10
CA THR B 195 -11.58 -21.75 -29.39
C THR B 195 -11.15 -20.74 -30.44
N THR B 196 -10.55 -19.63 -30.04
CA THR B 196 -10.05 -18.63 -30.97
C THR B 196 -8.90 -17.88 -30.30
N THR B 197 -7.81 -17.68 -31.03
CA THR B 197 -6.67 -16.93 -30.53
C THR B 197 -6.49 -15.68 -31.38
N PHE B 198 -6.48 -14.52 -30.73
CA PHE B 198 -6.33 -13.23 -31.39
C PHE B 198 -4.88 -12.79 -31.27
N THR B 199 -4.17 -12.79 -32.40
CA THR B 199 -2.76 -12.42 -32.45
C THR B 199 -2.60 -11.18 -33.31
N GLY B 200 -1.53 -10.43 -33.05
CA GLY B 200 -1.24 -9.23 -33.81
C GLY B 200 -0.67 -8.11 -32.97
N HIS B 201 -0.89 -8.17 -31.66
CA HIS B 201 -0.33 -7.16 -30.77
C HIS B 201 1.17 -7.36 -30.63
N THR B 202 1.89 -6.23 -30.59
CA THR B 202 3.34 -6.27 -30.42
C THR B 202 3.74 -6.34 -28.95
N GLY B 203 3.04 -5.62 -28.08
CA GLY B 203 3.32 -5.61 -26.67
C GLY B 203 2.28 -6.37 -25.87
N ASP B 204 2.43 -6.27 -24.55
CA ASP B 204 1.53 -6.98 -23.64
C ASP B 204 0.15 -6.34 -23.65
N VAL B 205 -0.88 -7.15 -23.86
CA VAL B 205 -2.26 -6.67 -23.81
C VAL B 205 -2.66 -6.49 -22.35
N MET B 206 -3.14 -5.29 -22.00
CA MET B 206 -3.43 -4.99 -20.61
C MET B 206 -4.86 -4.52 -20.37
N SER B 207 -5.78 -4.77 -21.30
CA SER B 207 -7.12 -4.23 -21.14
C SER B 207 -8.05 -4.89 -22.14
N LEU B 208 -9.31 -5.05 -21.72
CA LEU B 208 -10.36 -5.60 -22.57
C LEU B 208 -11.62 -4.77 -22.40
N SER B 209 -12.47 -4.81 -23.42
CA SER B 209 -13.77 -4.14 -23.33
C SER B 209 -14.70 -4.82 -24.31
N LEU B 210 -15.69 -5.54 -23.80
CA LEU B 210 -16.68 -6.20 -24.65
C LEU B 210 -17.69 -5.18 -25.16
N ALA B 211 -18.07 -5.34 -26.42
CA ALA B 211 -19.10 -4.48 -26.98
C ALA B 211 -20.44 -4.77 -26.30
N PRO B 212 -21.33 -3.78 -26.23
CA PRO B 212 -22.63 -4.00 -25.58
C PRO B 212 -23.41 -5.16 -26.18
N ASP B 213 -23.35 -5.36 -27.49
CA ASP B 213 -24.00 -6.49 -28.13
C ASP B 213 -23.17 -7.77 -28.06
N THR B 214 -21.94 -7.69 -27.55
CA THR B 214 -21.04 -8.83 -27.41
C THR B 214 -20.82 -9.51 -28.77
N ARG B 215 -20.28 -8.71 -29.70
CA ARG B 215 -19.98 -9.17 -31.04
C ARG B 215 -18.53 -8.89 -31.37
N LEU B 216 -18.01 -7.77 -30.86
CA LEU B 216 -16.63 -7.35 -31.05
C LEU B 216 -16.06 -6.93 -29.70
N PHE B 217 -14.74 -6.81 -29.64
CA PHE B 217 -14.11 -6.32 -28.42
C PHE B 217 -12.79 -5.66 -28.76
N VAL B 218 -12.47 -4.60 -28.02
CA VAL B 218 -11.23 -3.86 -28.20
C VAL B 218 -10.25 -4.26 -27.11
N SER B 219 -8.97 -4.31 -27.48
CA SER B 219 -7.90 -4.66 -26.55
C SER B 219 -6.75 -3.68 -26.74
N GLY B 220 -6.35 -3.02 -25.66
CA GLY B 220 -5.23 -2.11 -25.68
C GLY B 220 -3.98 -2.79 -25.15
N ALA B 221 -2.84 -2.52 -25.79
CA ALA B 221 -1.61 -3.21 -25.46
C ALA B 221 -0.50 -2.22 -25.17
N CYS B 222 0.66 -2.75 -24.78
CA CYS B 222 1.82 -1.94 -24.45
C CYS B 222 2.50 -1.33 -25.67
N ASP B 223 2.11 -1.73 -26.88
CA ASP B 223 2.66 -1.12 -28.08
C ASP B 223 1.96 0.19 -28.45
N ALA B 224 1.27 0.80 -27.48
CA ALA B 224 0.56 2.06 -27.69
C ALA B 224 -0.47 1.94 -28.80
N SER B 225 -1.18 0.82 -28.82
CA SER B 225 -2.20 0.59 -29.84
C SER B 225 -3.35 -0.22 -29.25
N ALA B 226 -4.55 0.06 -29.75
CA ALA B 226 -5.76 -0.67 -29.36
C ALA B 226 -6.36 -1.30 -30.61
N LYS B 227 -6.57 -2.61 -30.57
CA LYS B 227 -7.08 -3.35 -31.71
C LYS B 227 -8.51 -3.79 -31.44
N LEU B 228 -9.39 -3.54 -32.41
CA LEU B 228 -10.77 -4.02 -32.37
C LEU B 228 -10.84 -5.35 -33.11
N TRP B 229 -11.19 -6.40 -32.37
CA TRP B 229 -11.28 -7.77 -32.86
C TRP B 229 -12.74 -8.19 -32.96
N ASP B 230 -13.01 -9.11 -33.89
CA ASP B 230 -14.32 -9.74 -34.02
C ASP B 230 -14.28 -11.07 -33.29
N VAL B 231 -15.23 -11.28 -32.36
CA VAL B 231 -15.20 -12.46 -31.51
C VAL B 231 -15.50 -13.72 -32.33
N ARG B 232 -16.55 -13.66 -33.15
CA ARG B 232 -17.06 -14.88 -33.79
C ARG B 232 -16.05 -15.46 -34.78
N GLU B 233 -15.48 -14.61 -35.64
CA GLU B 233 -14.62 -15.10 -36.71
C GLU B 233 -13.13 -14.93 -36.47
N GLY B 234 -12.73 -13.96 -35.65
CA GLY B 234 -11.38 -13.98 -35.12
C GLY B 234 -10.40 -12.90 -35.56
N MET B 235 -10.39 -12.54 -36.85
CA MET B 235 -9.37 -11.63 -37.33
C MET B 235 -9.58 -10.23 -36.79
N CYS B 236 -8.48 -9.49 -36.67
CA CYS B 236 -8.51 -8.12 -36.15
C CYS B 236 -9.25 -7.21 -37.12
N ARG B 237 -10.39 -6.68 -36.68
CA ARG B 237 -11.15 -5.79 -37.54
C ARG B 237 -10.40 -4.48 -37.81
N GLN B 238 -9.92 -3.82 -36.77
CA GLN B 238 -9.32 -2.51 -36.93
C GLN B 238 -8.21 -2.31 -35.92
N THR B 239 -7.34 -1.33 -36.19
CA THR B 239 -6.26 -0.95 -35.28
C THR B 239 -6.24 0.55 -35.13
N PHE B 240 -6.10 1.03 -33.89
CA PHE B 240 -6.10 2.45 -33.57
C PHE B 240 -4.83 2.78 -32.81
N THR B 241 -4.10 3.78 -33.30
CA THR B 241 -2.89 4.27 -32.66
C THR B 241 -3.05 5.74 -32.34
N GLY B 242 -2.08 6.28 -31.60
CA GLY B 242 -2.12 7.68 -31.21
C GLY B 242 -1.56 7.92 -29.83
N HIS B 243 -1.43 6.86 -29.05
CA HIS B 243 -0.84 6.98 -27.72
C HIS B 243 0.69 6.96 -27.81
N GLU B 244 1.32 7.60 -26.82
CA GLU B 244 2.78 7.69 -26.77
C GLU B 244 3.39 6.78 -25.73
N SER B 245 2.60 5.91 -25.11
CA SER B 245 3.11 5.00 -24.08
C SER B 245 2.16 3.82 -23.97
N ASP B 246 2.41 2.96 -22.98
CA ASP B 246 1.61 1.76 -22.79
C ASP B 246 0.19 2.11 -22.40
N ILE B 247 -0.77 1.36 -22.94
CA ILE B 247 -2.18 1.55 -22.63
C ILE B 247 -2.54 0.61 -21.49
N ASN B 248 -3.07 1.18 -20.39
CA ASN B 248 -3.36 0.40 -19.20
C ASN B 248 -4.85 0.11 -19.02
N ALA B 249 -5.73 0.75 -19.78
CA ALA B 249 -7.16 0.53 -19.64
C ALA B 249 -7.86 0.93 -20.92
N ILE B 250 -9.09 0.43 -21.09
CA ILE B 250 -9.88 0.73 -22.27
C ILE B 250 -11.32 0.37 -21.96
N CYS B 251 -12.25 1.03 -22.63
CA CYS B 251 -13.67 0.83 -22.35
C CYS B 251 -14.50 1.37 -23.51
N PHE B 252 -15.46 0.56 -23.97
CA PHE B 252 -16.38 1.03 -25.01
C PHE B 252 -17.26 2.17 -24.51
N PHE B 253 -17.58 3.07 -25.44
CA PHE B 253 -18.69 3.98 -25.23
C PHE B 253 -19.99 3.18 -25.13
N PRO B 254 -20.95 3.65 -24.32
CA PRO B 254 -22.20 2.87 -24.17
C PRO B 254 -22.92 2.63 -25.48
N ASN B 255 -22.75 3.52 -26.46
CA ASN B 255 -23.36 3.30 -27.77
C ASN B 255 -22.76 2.08 -28.47
N GLY B 256 -21.53 1.71 -28.13
CA GLY B 256 -20.86 0.62 -28.77
C GLY B 256 -20.14 0.97 -30.05
N ASN B 257 -20.07 2.26 -30.41
CA ASN B 257 -19.39 2.71 -31.62
C ASN B 257 -18.17 3.56 -31.32
N ALA B 258 -17.71 3.59 -30.07
CA ALA B 258 -16.52 4.36 -29.71
C ALA B 258 -15.96 3.76 -28.43
N PHE B 259 -14.70 4.09 -28.14
CA PHE B 259 -14.06 3.59 -26.93
C PHE B 259 -12.98 4.54 -26.47
N ALA B 260 -12.78 4.59 -25.17
CA ALA B 260 -11.80 5.47 -24.53
C ALA B 260 -10.65 4.64 -23.99
N THR B 261 -9.43 5.07 -24.29
CA THR B 261 -8.22 4.39 -23.86
C THR B 261 -7.43 5.30 -22.94
N GLY B 262 -6.97 4.75 -21.81
CA GLY B 262 -6.09 5.44 -20.89
C GLY B 262 -4.71 4.82 -20.95
N SER B 263 -3.68 5.66 -20.98
CA SER B 263 -2.32 5.19 -21.16
C SER B 263 -1.42 5.75 -20.07
N ASP B 264 -0.14 5.40 -20.15
CA ASP B 264 0.85 5.87 -19.18
C ASP B 264 1.34 7.28 -19.48
N ASP B 265 1.03 7.84 -20.64
CA ASP B 265 1.46 9.18 -21.01
C ASP B 265 0.51 10.25 -20.49
N ALA B 266 -0.29 9.95 -19.48
CA ALA B 266 -1.16 10.88 -18.78
C ALA B 266 -2.26 11.46 -19.67
N THR B 267 -2.56 10.83 -20.80
CA THR B 267 -3.59 11.31 -21.69
C THR B 267 -4.57 10.18 -21.98
N CYS B 268 -5.86 10.45 -21.83
CA CYS B 268 -6.89 9.56 -22.33
C CYS B 268 -7.28 9.99 -23.75
N ARG B 269 -7.83 9.04 -24.50
CA ARG B 269 -8.24 9.34 -25.88
C ARG B 269 -9.54 8.63 -26.17
N LEU B 270 -10.33 9.22 -27.07
CA LEU B 270 -11.61 8.64 -27.48
C LEU B 270 -11.54 8.34 -28.97
N PHE B 271 -11.40 7.06 -29.31
CA PHE B 271 -11.40 6.60 -30.69
C PHE B 271 -12.80 6.17 -31.10
N ASP B 272 -13.06 6.23 -32.39
CA ASP B 272 -14.36 5.88 -32.96
C ASP B 272 -14.17 4.70 -33.90
N LEU B 273 -15.04 3.69 -33.77
CA LEU B 273 -14.94 2.52 -34.62
C LEU B 273 -15.24 2.86 -36.08
N ARG B 274 -16.33 3.56 -36.32
CA ARG B 274 -16.72 3.88 -37.70
C ARG B 274 -15.76 4.88 -38.33
N ALA B 275 -15.35 5.90 -37.57
CA ALA B 275 -14.44 6.91 -38.11
C ALA B 275 -13.00 6.40 -38.22
N ASP B 276 -12.67 5.31 -37.54
CA ASP B 276 -11.37 4.66 -37.64
C ASP B 276 -10.23 5.58 -37.20
N GLN B 277 -10.51 6.53 -36.31
CA GLN B 277 -9.47 7.41 -35.79
C GLN B 277 -9.97 8.07 -34.53
N GLU B 278 -9.03 8.65 -33.78
CA GLU B 278 -9.39 9.31 -32.52
C GLU B 278 -10.21 10.56 -32.78
N LEU B 279 -11.02 10.92 -31.79
CA LEU B 279 -11.89 12.09 -31.86
C LEU B 279 -11.53 13.17 -30.85
N MET B 280 -11.07 12.79 -29.66
CA MET B 280 -10.81 13.76 -28.62
C MET B 280 -9.74 13.23 -27.69
N THR B 281 -8.94 14.15 -27.13
CA THR B 281 -7.89 13.82 -26.19
C THR B 281 -8.17 14.52 -24.87
N TYR B 282 -8.14 13.75 -23.78
CA TYR B 282 -8.39 14.25 -22.44
C TYR B 282 -7.06 14.28 -21.69
N SER B 283 -6.52 15.48 -21.51
CA SER B 283 -5.23 15.65 -20.86
C SER B 283 -5.16 17.05 -20.26
N HIS B 284 -4.18 17.22 -19.38
CA HIS B 284 -3.96 18.51 -18.74
C HIS B 284 -2.49 18.63 -18.39
N ASP B 285 -2.04 19.88 -18.22
CA ASP B 285 -0.66 20.13 -17.82
C ASP B 285 -0.41 19.69 -16.38
N ASN B 286 -1.40 19.85 -15.51
CA ASN B 286 -1.23 19.46 -14.11
C ASN B 286 -1.00 17.97 -13.97
N ILE B 287 -1.73 17.17 -14.73
CA ILE B 287 -1.57 15.71 -14.68
C ILE B 287 -0.41 15.29 -15.56
N ILE B 288 0.53 14.55 -14.98
CA ILE B 288 1.69 14.04 -15.70
C ILE B 288 1.84 12.56 -15.38
N CYS B 289 0.77 11.97 -14.86
CA CYS B 289 0.79 10.61 -14.36
C CYS B 289 -0.12 9.72 -15.20
N GLY B 290 0.26 8.44 -15.31
CA GLY B 290 -0.49 7.53 -16.15
C GLY B 290 -1.86 7.21 -15.60
N ILE B 291 -2.70 6.68 -16.48
CA ILE B 291 -4.07 6.30 -16.14
C ILE B 291 -4.11 4.79 -15.90
N THR B 292 -4.68 4.38 -14.78
CA THR B 292 -4.78 2.97 -14.44
C THR B 292 -6.13 2.36 -14.76
N SER B 293 -7.15 3.18 -15.00
CA SER B 293 -8.50 2.67 -15.24
C SER B 293 -9.32 3.74 -15.93
N VAL B 294 -10.15 3.32 -16.89
CA VAL B 294 -11.03 4.21 -17.63
C VAL B 294 -12.41 3.58 -17.68
N SER B 295 -13.44 4.37 -17.41
CA SER B 295 -14.81 3.90 -17.52
C SER B 295 -15.72 5.05 -17.91
N PHE B 296 -16.88 4.71 -18.45
CA PHE B 296 -17.86 5.67 -18.94
C PHE B 296 -19.07 5.70 -18.02
N SER B 297 -19.83 6.78 -18.12
CA SER B 297 -21.11 6.85 -17.44
C SER B 297 -22.18 6.12 -18.26
N LYS B 298 -23.38 6.01 -17.69
CA LYS B 298 -24.45 5.29 -18.36
C LYS B 298 -24.82 5.97 -19.68
N SER B 299 -24.91 7.29 -19.69
CA SER B 299 -25.22 8.03 -20.90
C SER B 299 -24.02 8.28 -21.78
N GLY B 300 -22.80 8.05 -21.26
CA GLY B 300 -21.60 8.31 -22.01
C GLY B 300 -21.12 9.73 -21.98
N ARG B 301 -21.82 10.64 -21.29
CA ARG B 301 -21.39 12.03 -21.24
C ARG B 301 -20.16 12.21 -20.35
N LEU B 302 -20.04 11.41 -19.30
CA LEU B 302 -18.91 11.50 -18.38
C LEU B 302 -17.90 10.41 -18.69
N LEU B 303 -16.63 10.72 -18.50
CA LEU B 303 -15.53 9.77 -18.67
C LEU B 303 -14.71 9.79 -17.39
N LEU B 304 -14.80 8.73 -16.60
CA LEU B 304 -14.15 8.67 -15.30
C LEU B 304 -12.83 7.93 -15.45
N ALA B 305 -11.72 8.66 -15.41
CA ALA B 305 -10.40 8.08 -15.56
C ALA B 305 -9.69 8.10 -14.21
N GLY B 306 -9.31 6.92 -13.72
CA GLY B 306 -8.57 6.82 -12.48
C GLY B 306 -7.09 6.98 -12.73
N TYR B 307 -6.48 7.92 -12.03
CA TYR B 307 -5.07 8.21 -12.18
C TYR B 307 -4.28 7.63 -11.01
N ASP B 308 -3.01 7.35 -11.26
CA ASP B 308 -2.12 6.93 -10.19
C ASP B 308 -1.53 8.11 -9.42
N ASP B 309 -2.14 9.30 -9.54
CA ASP B 309 -1.96 10.39 -8.60
C ASP B 309 -2.91 10.31 -7.41
N PHE B 310 -3.38 9.10 -7.10
CA PHE B 310 -4.17 8.79 -5.91
C PHE B 310 -5.61 9.27 -6.02
N ASN B 311 -6.12 9.50 -7.23
CA ASN B 311 -7.45 10.09 -7.36
C ASN B 311 -8.03 9.70 -8.72
N CYS B 312 -9.18 10.29 -9.04
CA CYS B 312 -9.86 10.10 -10.32
C CYS B 312 -10.31 11.44 -10.86
N ASN B 313 -10.43 11.52 -12.18
CA ASN B 313 -10.91 12.72 -12.85
C ASN B 313 -12.10 12.37 -13.72
N VAL B 314 -13.18 13.13 -13.58
CA VAL B 314 -14.38 12.97 -14.39
C VAL B 314 -14.34 14.05 -15.46
N TRP B 315 -14.13 13.64 -16.70
CA TRP B 315 -14.04 14.53 -17.85
C TRP B 315 -15.38 14.56 -18.59
N ASP B 316 -15.68 15.73 -19.16
CA ASP B 316 -16.80 15.85 -20.08
C ASP B 316 -16.39 15.21 -21.40
N ALA B 317 -17.00 14.05 -21.72
CA ALA B 317 -16.59 13.30 -22.89
C ALA B 317 -16.78 14.08 -24.18
N LEU B 318 -17.61 15.12 -24.17
CA LEU B 318 -17.84 15.94 -25.35
C LEU B 318 -17.07 17.26 -25.32
N LYS B 319 -16.45 17.61 -24.19
CA LYS B 319 -15.71 18.85 -24.06
C LYS B 319 -14.22 18.67 -23.74
N ALA B 320 -13.83 17.51 -23.20
CA ALA B 320 -12.51 17.27 -22.63
C ALA B 320 -12.20 18.16 -21.44
N ASP B 321 -13.21 18.82 -20.89
CA ASP B 321 -13.04 19.65 -19.70
C ASP B 321 -13.27 18.82 -18.45
N ARG B 322 -12.38 18.99 -17.47
CA ARG B 322 -12.47 18.21 -16.24
C ARG B 322 -13.69 18.64 -15.45
N ALA B 323 -14.77 17.87 -15.56
CA ALA B 323 -16.00 18.23 -14.89
C ALA B 323 -15.96 17.96 -13.39
N GLY B 324 -15.07 17.09 -12.93
CA GLY B 324 -14.99 16.83 -11.51
C GLY B 324 -13.74 16.07 -11.14
N VAL B 325 -13.46 16.03 -9.85
CA VAL B 325 -12.34 15.29 -9.29
C VAL B 325 -12.86 14.44 -8.13
N LEU B 326 -12.52 13.16 -8.14
CA LEU B 326 -12.89 12.23 -7.08
C LEU B 326 -11.63 11.90 -6.28
N ALA B 327 -11.53 12.43 -5.08
CA ALA B 327 -10.36 12.24 -4.23
C ALA B 327 -10.77 11.59 -2.91
N GLY B 328 -9.81 10.90 -2.30
CA GLY B 328 -10.08 10.19 -1.07
C GLY B 328 -9.29 8.90 -0.95
N HIS B 329 -8.59 8.53 -2.03
CA HIS B 329 -7.75 7.33 -2.02
C HIS B 329 -6.33 7.72 -1.67
N ASP B 330 -5.75 7.04 -0.68
CA ASP B 330 -4.38 7.33 -0.28
C ASP B 330 -3.38 6.87 -1.33
N ASN B 331 -3.66 5.77 -2.01
CA ASN B 331 -2.76 5.17 -2.98
C ASN B 331 -3.38 5.18 -4.37
N ARG B 332 -2.65 4.59 -5.32
CA ARG B 332 -3.05 4.63 -6.71
C ARG B 332 -4.41 3.98 -6.93
N VAL B 333 -5.26 4.63 -7.73
CA VAL B 333 -6.58 4.10 -8.05
C VAL B 333 -6.40 3.03 -9.12
N SER B 334 -6.31 1.77 -8.69
CA SER B 334 -6.01 0.69 -9.64
C SER B 334 -7.20 0.33 -10.50
N CYS B 335 -8.40 0.28 -9.94
CA CYS B 335 -9.57 -0.17 -10.68
C CYS B 335 -10.73 0.79 -10.49
N LEU B 336 -11.58 0.88 -11.51
CA LEU B 336 -12.72 1.77 -11.50
C LEU B 336 -13.86 1.10 -12.25
N GLY B 337 -15.08 1.31 -11.76
CA GLY B 337 -16.23 0.69 -12.41
C GLY B 337 -17.47 1.55 -12.22
N VAL B 338 -18.35 1.50 -13.22
CA VAL B 338 -19.62 2.21 -13.20
C VAL B 338 -20.73 1.20 -13.38
N THR B 339 -21.75 1.28 -12.52
CA THR B 339 -22.82 0.29 -12.52
C THR B 339 -23.57 0.30 -13.84
N ASP B 340 -24.30 -0.79 -14.09
CA ASP B 340 -25.10 -0.89 -15.31
C ASP B 340 -26.19 0.17 -15.34
N ASP B 341 -26.83 0.42 -14.20
CA ASP B 341 -27.84 1.48 -14.12
C ASP B 341 -27.23 2.87 -13.95
N GLY B 342 -25.92 2.95 -13.77
CA GLY B 342 -25.26 4.24 -13.63
C GLY B 342 -25.50 4.93 -12.31
N MET B 343 -25.92 4.18 -11.28
CA MET B 343 -26.27 4.81 -10.02
C MET B 343 -25.03 5.27 -9.25
N ALA B 344 -23.95 4.50 -9.31
CA ALA B 344 -22.79 4.81 -8.50
C ALA B 344 -21.52 4.39 -9.23
N VAL B 345 -20.41 4.98 -8.81
CA VAL B 345 -19.09 4.68 -9.36
C VAL B 345 -18.25 4.12 -8.23
N ALA B 346 -17.70 2.93 -8.41
CA ALA B 346 -16.89 2.30 -7.38
C ALA B 346 -15.43 2.30 -7.82
N THR B 347 -14.57 2.86 -6.98
CA THR B 347 -13.14 2.91 -7.23
C THR B 347 -12.42 2.09 -6.20
N GLY B 348 -11.57 1.17 -6.65
CA GLY B 348 -10.72 0.38 -5.78
C GLY B 348 -9.27 0.80 -5.99
N SER B 349 -8.55 0.98 -4.88
CA SER B 349 -7.21 1.52 -4.92
C SER B 349 -6.27 0.61 -4.14
N TRP B 350 -5.00 0.98 -4.13
CA TRP B 350 -3.96 0.17 -3.51
C TRP B 350 -3.95 0.28 -1.98
N ASP B 351 -4.75 1.17 -1.40
CA ASP B 351 -4.85 1.24 0.05
C ASP B 351 -5.87 0.26 0.61
N SER B 352 -6.29 -0.72 -0.18
CA SER B 352 -7.12 -1.83 0.24
C SER B 352 -8.54 -1.44 0.64
N PHE B 353 -9.04 -0.30 0.14
CA PHE B 353 -10.40 0.12 0.40
C PHE B 353 -11.10 0.40 -0.92
N LEU B 354 -12.35 -0.04 -1.05
CA LEU B 354 -13.19 0.38 -2.15
C LEU B 354 -14.05 1.55 -1.71
N LYS B 355 -14.32 2.47 -2.63
CA LYS B 355 -15.16 3.62 -2.33
C LYS B 355 -16.24 3.72 -3.39
N ILE B 356 -17.49 3.76 -2.96
CA ILE B 356 -18.64 3.85 -3.85
C ILE B 356 -19.20 5.26 -3.74
N TRP B 357 -19.20 5.97 -4.86
CA TRP B 357 -19.64 7.35 -4.95
C TRP B 357 -21.00 7.42 -5.61
N ARG C 13 5.01 -10.75 -44.20
CA ARG C 13 4.36 -12.06 -44.15
C ARG C 13 2.83 -11.88 -44.10
N LYS C 14 2.22 -12.32 -43.00
CA LYS C 14 0.79 -12.15 -42.81
C LYS C 14 0.41 -10.69 -42.56
N LEU C 15 1.39 -9.86 -42.18
CA LEU C 15 1.11 -8.48 -41.82
C LEU C 15 0.56 -7.71 -43.01
N VAL C 16 1.09 -7.94 -44.20
CA VAL C 16 0.64 -7.17 -45.36
C VAL C 16 -0.83 -7.47 -45.68
N GLU C 17 -1.23 -8.73 -45.66
CA GLU C 17 -2.63 -9.06 -45.91
C GLU C 17 -3.53 -8.55 -44.78
N GLN C 18 -3.06 -8.66 -43.53
CA GLN C 18 -3.87 -8.14 -42.42
C GLN C 18 -4.09 -6.64 -42.57
N LEU C 19 -3.04 -5.90 -42.92
CA LEU C 19 -3.17 -4.46 -43.07
C LEU C 19 -3.99 -4.10 -44.29
N LYS C 20 -3.92 -4.91 -45.36
CA LYS C 20 -4.79 -4.70 -46.50
C LYS C 20 -6.26 -4.85 -46.11
N MET C 21 -6.56 -5.89 -45.34
CA MET C 21 -7.93 -6.08 -44.87
C MET C 21 -8.37 -4.92 -43.98
N GLU C 22 -7.46 -4.41 -43.15
CA GLU C 22 -7.77 -3.25 -42.33
C GLU C 22 -8.05 -2.03 -43.19
N ALA C 23 -7.27 -1.83 -44.25
CA ALA C 23 -7.42 -0.65 -45.09
C ALA C 23 -8.61 -0.73 -46.03
N ASN C 24 -9.13 -1.92 -46.31
CA ASN C 24 -10.25 -2.10 -47.21
C ASN C 24 -11.60 -1.98 -46.53
N ILE C 25 -11.66 -1.34 -45.36
CA ILE C 25 -12.92 -1.19 -44.64
C ILE C 25 -13.63 0.06 -45.12
N ASP C 26 -14.93 0.14 -44.80
CA ASP C 26 -15.71 1.33 -45.11
C ASP C 26 -15.36 2.47 -44.15
N ARG C 27 -15.60 3.69 -44.61
CA ARG C 27 -15.28 4.89 -43.85
C ARG C 27 -16.50 5.78 -43.70
N ILE C 28 -16.51 6.59 -42.65
CA ILE C 28 -17.60 7.50 -42.37
C ILE C 28 -16.99 8.88 -42.09
N LYS C 29 -17.79 9.91 -42.33
CA LYS C 29 -17.35 11.27 -42.02
C LYS C 29 -17.27 11.47 -40.52
N VAL C 30 -16.26 12.22 -40.08
CA VAL C 30 -16.09 12.49 -38.65
C VAL C 30 -17.25 13.32 -38.12
N SER C 31 -17.75 14.24 -38.94
CA SER C 31 -18.88 15.07 -38.52
C SER C 31 -20.11 14.21 -38.22
N LYS C 32 -20.40 13.22 -39.07
CA LYS C 32 -21.55 12.36 -38.84
C LYS C 32 -21.37 11.52 -37.58
N ALA C 33 -20.17 10.98 -37.36
CA ALA C 33 -19.92 10.19 -36.17
C ALA C 33 -20.07 11.04 -34.91
N ALA C 34 -19.54 12.26 -34.93
CA ALA C 34 -19.67 13.15 -33.78
C ALA C 34 -21.13 13.53 -33.56
N ALA C 35 -21.89 13.77 -34.63
CA ALA C 35 -23.30 14.09 -34.50
C ALA C 35 -24.07 12.93 -33.87
N ASP C 36 -23.77 11.70 -34.30
CA ASP C 36 -24.42 10.54 -33.71
C ASP C 36 -24.05 10.39 -32.24
N LEU C 37 -22.79 10.66 -31.91
CA LEU C 37 -22.34 10.59 -30.51
C LEU C 37 -23.10 11.59 -29.66
N MET C 38 -23.21 12.83 -30.14
CA MET C 38 -23.96 13.86 -29.42
C MET C 38 -25.43 13.49 -29.30
N ALA C 39 -26.01 12.93 -30.36
CA ALA C 39 -27.41 12.54 -30.32
C ALA C 39 -27.64 11.48 -29.25
N TYR C 40 -26.75 10.48 -29.18
CA TYR C 40 -26.89 9.46 -28.14
C TYR C 40 -26.75 10.07 -26.75
N CYS C 41 -25.76 10.94 -26.56
CA CYS C 41 -25.55 11.53 -25.24
C CYS C 41 -26.76 12.36 -24.81
N GLU C 42 -27.30 13.18 -25.72
CA GLU C 42 -28.43 14.02 -25.36
C GLU C 42 -29.73 13.25 -25.25
N ALA C 43 -29.82 12.09 -25.91
CA ALA C 43 -31.02 11.26 -25.77
C ALA C 43 -31.01 10.51 -24.44
N HIS C 44 -29.84 10.07 -23.98
CA HIS C 44 -29.75 9.28 -22.76
C HIS C 44 -29.30 10.08 -21.55
N ALA C 45 -29.17 11.41 -21.68
CA ALA C 45 -28.80 12.24 -20.53
C ALA C 45 -29.84 12.17 -19.44
N LYS C 46 -31.13 12.05 -19.79
CA LYS C 46 -32.18 11.99 -18.78
C LYS C 46 -32.07 10.75 -17.91
N GLU C 47 -31.57 9.65 -18.47
CA GLU C 47 -31.46 8.39 -17.75
C GLU C 47 -30.08 8.18 -17.15
N ASP C 48 -29.37 9.26 -16.83
CA ASP C 48 -28.02 9.17 -16.28
C ASP C 48 -28.01 9.71 -14.86
N PRO C 49 -28.02 8.84 -13.84
CA PRO C 49 -27.98 9.35 -12.45
C PRO C 49 -26.73 10.14 -12.13
N LEU C 50 -25.59 9.82 -12.75
CA LEU C 50 -24.37 10.56 -12.46
C LEU C 50 -24.42 11.97 -13.02
N LEU C 51 -24.95 12.13 -14.23
CA LEU C 51 -25.01 13.46 -14.85
C LEU C 51 -25.96 14.38 -14.10
N THR C 52 -27.18 13.91 -13.84
CA THR C 52 -28.16 14.67 -13.07
C THR C 52 -28.34 14.01 -11.72
N PRO C 53 -27.88 14.63 -10.63
CA PRO C 53 -27.95 13.98 -9.31
C PRO C 53 -29.37 13.59 -8.94
N VAL C 54 -29.58 12.28 -8.80
CA VAL C 54 -30.89 11.75 -8.41
C VAL C 54 -31.18 12.16 -6.97
N PRO C 55 -32.42 12.47 -6.60
CA PRO C 55 -32.72 12.79 -5.21
C PRO C 55 -32.41 11.63 -4.28
N ALA C 56 -32.02 11.95 -3.05
CA ALA C 56 -31.61 10.94 -2.10
C ALA C 56 -32.74 9.99 -1.73
N SER C 57 -33.99 10.36 -2.01
CA SER C 57 -35.10 9.46 -1.75
C SER C 57 -35.03 8.23 -2.64
N GLU C 58 -34.68 8.40 -3.91
CA GLU C 58 -34.56 7.30 -4.86
C GLU C 58 -33.14 6.79 -5.00
N ASN C 59 -32.21 7.30 -4.21
CA ASN C 59 -30.81 6.87 -4.30
C ASN C 59 -30.60 5.67 -3.38
N PRO C 60 -30.32 4.48 -3.91
CA PRO C 60 -30.13 3.32 -3.03
C PRO C 60 -28.92 3.43 -2.12
N PHE C 61 -27.98 4.32 -2.41
CA PHE C 61 -26.82 4.56 -1.57
C PHE C 61 -27.09 5.78 -0.71
N ARG C 62 -26.98 5.63 0.60
CA ARG C 62 -27.24 6.72 1.52
C ARG C 62 -25.95 7.28 2.13
N THR D 1 1.92 43.12 36.66
CA THR D 1 2.74 42.88 35.46
C THR D 1 3.12 41.42 35.35
N GLU D 2 3.74 40.89 36.41
CA GLU D 2 4.18 39.51 36.40
C GLU D 2 3.00 38.55 36.33
N LYS D 3 1.91 38.87 37.04
CA LYS D 3 0.79 37.93 37.15
C LYS D 3 0.13 37.67 35.80
N MET D 4 -0.08 38.73 35.01
CA MET D 4 -0.70 38.56 33.70
C MET D 4 0.16 37.72 32.77
N LEU D 5 1.48 37.98 32.76
CA LEU D 5 2.38 37.20 31.92
C LEU D 5 2.42 35.74 32.35
N ILE D 6 2.42 35.50 33.67
CA ILE D 6 2.42 34.13 34.17
C ILE D 6 1.14 33.42 33.75
N CYS D 7 0.00 34.09 33.89
CA CYS D 7 -1.27 33.49 33.47
C CYS D 7 -1.27 33.18 31.99
N MET D 8 -0.76 34.10 31.17
CA MET D 8 -0.75 33.88 29.72
C MET D 8 0.14 32.71 29.35
N THR D 9 1.35 32.64 29.93
CA THR D 9 2.24 31.54 29.57
C THR D 9 1.69 30.20 30.04
N LEU D 10 1.09 30.16 31.23
CA LEU D 10 0.50 28.91 31.70
C LEU D 10 -0.67 28.48 30.84
N VAL D 11 -1.53 29.42 30.44
CA VAL D 11 -2.70 29.05 29.65
C VAL D 11 -2.28 28.62 28.25
N VAL D 12 -1.28 29.28 27.66
CA VAL D 12 -0.84 28.84 26.33
C VAL D 12 -0.16 27.48 26.41
N ILE D 13 0.57 27.20 27.49
CA ILE D 13 1.17 25.89 27.65
C ILE D 13 0.09 24.82 27.78
N THR D 14 -0.91 25.06 28.63
CA THR D 14 -1.94 24.05 28.86
C THR D 14 -2.88 23.90 27.68
N THR D 15 -2.97 24.90 26.79
CA THR D 15 -3.76 24.68 25.58
C THR D 15 -2.93 24.03 24.48
N LEU D 16 -1.64 24.35 24.37
CA LEU D 16 -0.79 23.67 23.40
C LEU D 16 -0.70 22.19 23.72
N THR D 17 -0.62 21.84 25.01
CA THR D 17 -0.54 20.45 25.41
C THR D 17 -1.79 19.68 24.98
N THR D 18 -2.98 20.26 25.22
CA THR D 18 -4.21 19.54 24.89
C THR D 18 -4.41 19.46 23.37
N LEU D 19 -4.06 20.52 22.63
CA LEU D 19 -4.14 20.41 21.17
C LEU D 19 -3.19 19.36 20.64
N LEU D 20 -1.96 19.30 21.16
CA LEU D 20 -1.01 18.30 20.69
C LEU D 20 -1.48 16.89 20.99
N ASN D 21 -1.98 16.66 22.22
CA ASN D 21 -2.49 15.34 22.57
C ASN D 21 -3.68 14.95 21.70
N LEU D 22 -4.60 15.89 21.46
CA LEU D 22 -5.73 15.62 20.60
C LEU D 22 -5.29 15.30 19.17
N ALA D 23 -4.28 16.03 18.67
CA ALA D 23 -3.77 15.76 17.34
C ALA D 23 -3.18 14.36 17.24
N VAL D 24 -2.42 13.95 18.26
CA VAL D 24 -1.85 12.61 18.26
C VAL D 24 -2.95 11.56 18.29
N ILE D 25 -3.96 11.75 19.15
CA ILE D 25 -5.04 10.79 19.26
C ILE D 25 -5.79 10.66 17.93
N MET D 26 -6.10 11.80 17.31
CA MET D 26 -6.84 11.78 16.05
C MET D 26 -6.00 11.16 14.93
N ALA D 27 -4.70 11.44 14.90
CA ALA D 27 -3.84 10.84 13.89
C ALA D 27 -3.78 9.33 14.04
N ILE D 28 -3.71 8.85 15.28
CA ILE D 28 -3.67 7.40 15.50
C ILE D 28 -5.01 6.76 15.15
N GLY D 29 -6.11 7.36 15.59
CA GLY D 29 -7.42 6.77 15.33
C GLY D 29 -7.81 6.78 13.87
N THR D 30 -7.57 7.89 13.18
CA THR D 30 -8.04 8.03 11.80
C THR D 30 -7.25 7.15 10.85
N THR D 31 -5.92 7.17 10.96
CA THR D 31 -5.09 6.46 9.99
C THR D 31 -5.17 4.96 10.22
N LYS D 32 -5.49 4.22 9.15
CA LYS D 32 -5.56 2.77 9.24
C LYS D 32 -4.17 2.14 9.28
N LYS D 33 -3.15 2.80 8.74
CA LYS D 33 -1.80 2.29 8.79
C LYS D 33 -1.19 2.37 10.18
N LEU D 34 -1.67 3.29 11.01
CA LEU D 34 -1.13 3.50 12.36
C LEU D 34 -1.80 2.63 13.41
N HIS D 35 -2.36 1.50 13.02
CA HIS D 35 -3.03 0.59 13.96
C HIS D 35 -2.06 -0.53 14.31
N GLN D 36 -1.11 -0.22 15.19
CA GLN D 36 -0.12 -1.17 15.69
C GLN D 36 -0.10 -1.11 17.21
N PRO D 37 0.32 -2.20 17.87
CA PRO D 37 0.38 -2.17 19.34
C PRO D 37 1.25 -1.06 19.90
N ALA D 38 2.38 -0.77 19.26
CA ALA D 38 3.21 0.35 19.71
C ALA D 38 2.47 1.67 19.57
N ASN D 39 1.75 1.84 18.46
CA ASN D 39 0.94 3.04 18.30
C ASN D 39 -0.22 3.07 19.29
N TYR D 40 -0.72 1.90 19.70
CA TYR D 40 -1.72 1.87 20.76
C TYR D 40 -1.15 2.35 22.09
N LEU D 41 0.08 1.94 22.41
CA LEU D 41 0.73 2.43 23.61
C LEU D 41 0.96 3.94 23.54
N ILE D 42 1.37 4.44 22.38
CA ILE D 42 1.56 5.88 22.22
C ILE D 42 0.23 6.62 22.36
N CYS D 43 -0.85 6.03 21.84
CA CYS D 43 -2.17 6.64 21.99
C CYS D 43 -2.59 6.68 23.45
N SER D 44 -2.32 5.61 24.20
CA SER D 44 -2.65 5.61 25.62
C SER D 44 -1.84 6.68 26.36
N LEU D 45 -0.56 6.83 26.01
CA LEU D 45 0.24 7.90 26.60
C LEU D 45 -0.36 9.26 26.25
N ALA D 46 -0.83 9.42 25.01
CA ALA D 46 -1.43 10.68 24.59
C ALA D 46 -2.70 10.99 25.37
N VAL D 47 -3.55 9.98 25.59
CA VAL D 47 -4.78 10.23 26.35
C VAL D 47 -4.46 10.51 27.82
N THR D 48 -3.43 9.88 28.37
CA THR D 48 -3.02 10.21 29.73
C THR D 48 -2.51 11.65 29.81
N ASP D 49 -1.74 12.08 28.81
CA ASP D 49 -1.29 13.46 28.76
C ASP D 49 -2.46 14.42 28.61
N LEU D 50 -3.46 14.05 27.81
CA LEU D 50 -4.67 14.86 27.70
C LEU D 50 -5.37 14.97 29.04
N LEU D 51 -5.47 13.87 29.77
CA LEU D 51 -6.13 13.89 31.07
C LEU D 51 -5.38 14.80 32.05
N VAL D 52 -4.06 14.70 32.09
CA VAL D 52 -3.30 15.52 33.02
C VAL D 52 -3.25 16.97 32.56
N ALA D 53 -3.51 17.24 31.28
CA ALA D 53 -3.54 18.61 30.78
C ALA D 53 -4.88 19.29 30.97
N VAL D 54 -5.98 18.53 30.98
CA VAL D 54 -7.31 19.13 31.11
C VAL D 54 -7.89 18.99 32.52
N LEU D 55 -7.32 18.13 33.36
CA LEU D 55 -7.84 17.93 34.71
C LEU D 55 -6.90 18.40 35.81
N VAL D 56 -5.65 18.69 35.50
CA VAL D 56 -4.65 19.05 36.50
C VAL D 56 -4.09 20.45 36.27
N MET D 57 -3.66 20.73 35.03
CA MET D 57 -3.13 22.05 34.73
C MET D 57 -4.13 23.19 34.95
N PRO D 58 -5.39 23.11 34.51
CA PRO D 58 -6.32 24.21 34.80
C PRO D 58 -6.49 24.50 36.27
N LEU D 59 -6.54 23.46 37.10
CA LEU D 59 -6.65 23.67 38.54
C LEU D 59 -5.36 24.24 39.13
N SER D 60 -4.21 23.86 38.56
CA SER D 60 -2.95 24.43 39.02
C SER D 60 -2.86 25.91 38.68
N ILE D 61 -3.39 26.32 37.53
CA ILE D 61 -3.29 27.72 37.10
C ILE D 61 -4.04 28.63 38.07
N ILE D 62 -5.25 28.23 38.45
CA ILE D 62 -6.05 29.09 39.33
C ILE D 62 -5.44 29.17 40.72
N TYR D 63 -4.75 28.13 41.16
CA TYR D 63 -3.98 28.21 42.40
C TYR D 63 -2.87 29.24 42.28
N ILE D 64 -2.17 29.24 41.15
CA ILE D 64 -1.03 30.13 40.97
C ILE D 64 -1.50 31.57 40.80
N VAL D 65 -2.52 31.80 39.98
CA VAL D 65 -2.94 33.15 39.65
C VAL D 65 -3.69 33.78 40.82
N MET D 66 -4.71 33.10 41.32
CA MET D 66 -5.55 33.67 42.39
C MET D 66 -4.99 33.38 43.77
N ASP D 67 -3.69 33.67 43.95
CA ASP D 67 -2.97 33.49 45.20
C ASP D 67 -3.35 32.22 45.95
N ARG D 68 -4.50 32.26 46.64
CA ARG D 68 -4.96 31.14 47.44
C ARG D 68 -5.79 30.20 46.58
N TRP D 69 -6.48 29.26 47.22
CA TRP D 69 -7.29 28.25 46.54
C TRP D 69 -8.63 28.14 47.25
N LYS D 70 -9.72 28.34 46.52
CA LYS D 70 -11.07 28.32 47.10
C LYS D 70 -11.96 27.42 46.26
N LEU D 71 -11.88 26.10 46.53
CA LEU D 71 -12.82 25.15 45.95
C LEU D 71 -13.26 24.10 46.94
N GLY D 72 -12.95 24.26 48.23
CA GLY D 72 -13.36 23.32 49.24
C GLY D 72 -12.22 22.40 49.67
N TYR D 73 -12.36 21.85 50.88
CA TYR D 73 -11.38 20.92 51.41
C TYR D 73 -11.54 19.51 50.88
N PHE D 74 -12.60 19.23 50.12
CA PHE D 74 -12.80 17.92 49.52
C PHE D 74 -12.18 17.82 48.13
N LEU D 75 -12.49 18.78 47.26
CA LEU D 75 -12.01 18.72 45.88
C LEU D 75 -10.49 18.85 45.81
N CYS D 76 -9.86 19.43 46.83
CA CYS D 76 -8.40 19.46 46.87
C CYS D 76 -7.81 18.05 46.92
N GLU D 77 -8.39 17.18 47.75
CA GLU D 77 -7.91 15.81 47.83
C GLU D 77 -8.10 15.08 46.51
N VAL D 78 -9.25 15.28 45.85
CA VAL D 78 -9.51 14.65 44.57
C VAL D 78 -8.52 15.14 43.52
N TRP D 79 -8.26 16.45 43.50
CA TRP D 79 -7.31 16.99 42.55
C TRP D 79 -5.91 16.44 42.78
N LEU D 80 -5.48 16.37 44.04
CA LEU D 80 -4.15 15.84 44.33
C LEU D 80 -4.04 14.36 43.95
N SER D 81 -5.07 13.57 44.25
CA SER D 81 -5.03 12.15 43.92
C SER D 81 -5.02 11.94 42.40
N VAL D 82 -5.86 12.68 41.66
CA VAL D 82 -5.87 12.52 40.22
C VAL D 82 -4.56 13.04 39.62
N ASP D 83 -3.93 14.04 40.25
CA ASP D 83 -2.64 14.51 39.78
C ASP D 83 -1.57 13.45 39.98
N MET D 84 -1.54 12.81 41.15
CA MET D 84 -0.63 11.67 41.36
C MET D 84 -0.85 10.62 40.28
N THR D 85 -2.11 10.22 40.08
CA THR D 85 -2.41 9.14 39.16
C THR D 85 -1.98 9.47 37.74
N CYS D 86 -2.29 10.68 37.27
CA CYS D 86 -1.97 11.04 35.90
C CYS D 86 -0.47 11.19 35.71
N CYS D 87 0.22 11.86 36.63
CA CYS D 87 1.65 12.10 36.45
C CYS D 87 2.48 10.86 36.75
N THR D 88 1.90 9.83 37.37
CA THR D 88 2.59 8.55 37.50
C THR D 88 2.30 7.65 36.30
N CYS D 89 1.07 7.73 35.78
CA CYS D 89 0.69 6.96 34.61
C CYS D 89 1.45 7.41 33.36
N SER D 90 1.74 8.71 33.25
CA SER D 90 2.58 9.18 32.14
C SER D 90 3.97 8.55 32.20
N ILE D 91 4.58 8.53 33.39
CA ILE D 91 5.90 7.95 33.54
C ILE D 91 5.87 6.47 33.23
N TRP D 92 4.82 5.77 33.66
CA TRP D 92 4.78 4.34 33.43
C TRP D 92 4.48 4.00 31.97
N HIS D 93 3.75 4.86 31.24
CA HIS D 93 3.71 4.71 29.79
C HIS D 93 5.08 4.93 29.17
N LEU D 94 5.82 5.93 29.64
CA LEU D 94 7.18 6.10 29.12
C LEU D 94 8.04 4.87 29.39
N CYS D 95 7.80 4.16 30.49
CA CYS D 95 8.52 2.92 30.79
C CYS D 95 8.07 1.75 29.94
N VAL D 96 6.76 1.57 29.73
CA VAL D 96 6.30 0.42 28.94
C VAL D 96 6.52 0.61 27.45
N ILE D 97 6.56 1.84 26.96
CA ILE D 97 7.02 2.05 25.58
C ILE D 97 8.47 1.60 25.44
N ALA D 98 9.29 1.89 26.45
CA ALA D 98 10.67 1.42 26.44
C ALA D 98 10.74 -0.10 26.47
N LEU D 99 9.89 -0.74 27.28
CA LEU D 99 9.82 -2.20 27.28
C LEU D 99 9.45 -2.74 25.90
N ASP D 100 8.43 -2.16 25.27
CA ASP D 100 7.98 -2.62 23.97
C ASP D 100 9.07 -2.46 22.93
N ARG D 101 9.77 -1.31 22.94
CA ARG D 101 10.85 -1.11 21.99
C ARG D 101 12.02 -2.06 22.26
N TYR D 102 12.36 -2.28 23.53
CA TYR D 102 13.43 -3.20 23.85
C TYR D 102 13.11 -4.60 23.34
N TRP D 103 11.88 -5.05 23.53
CA TRP D 103 11.50 -6.38 23.04
C TRP D 103 11.42 -6.41 21.52
N ALA D 104 11.07 -5.29 20.88
CA ALA D 104 10.93 -5.27 19.43
C ALA D 104 12.29 -5.29 18.72
N ILE D 105 13.25 -4.50 19.19
CA ILE D 105 14.58 -4.52 18.61
C ILE D 105 15.42 -5.72 19.08
N THR D 106 15.32 -6.11 20.34
CA THR D 106 16.17 -7.20 20.83
C THR D 106 15.65 -8.56 20.35
N ASN D 107 14.46 -8.96 20.80
CA ASN D 107 13.84 -10.22 20.37
C ASN D 107 12.85 -9.95 19.24
N ALA D 108 13.39 -9.54 18.09
CA ALA D 108 12.55 -9.12 16.98
C ALA D 108 11.70 -10.28 16.45
N ILE D 109 12.29 -11.47 16.32
CA ILE D 109 11.57 -12.59 15.72
C ILE D 109 10.45 -13.06 16.64
N GLU D 110 10.75 -13.24 17.93
CA GLU D 110 9.76 -13.81 18.84
C GLU D 110 8.69 -12.80 19.20
N TYR D 111 9.07 -11.53 19.42
CA TYR D 111 8.12 -10.54 19.89
C TYR D 111 7.09 -10.17 18.82
N ALA D 112 7.36 -10.47 17.55
CA ALA D 112 6.37 -10.19 16.52
C ALA D 112 5.10 -11.00 16.73
N ARG D 113 5.24 -12.24 17.18
CA ARG D 113 4.08 -13.06 17.51
C ARG D 113 3.32 -12.46 18.70
N LYS D 114 4.06 -11.97 19.70
CA LYS D 114 3.46 -11.50 20.94
C LYS D 114 2.92 -10.08 20.84
N ARG D 115 3.27 -9.32 19.81
CA ARG D 115 2.81 -7.95 19.66
C ARG D 115 1.35 -7.97 19.19
N THR D 116 0.45 -8.21 20.13
CA THR D 116 -0.98 -8.22 19.88
C THR D 116 -1.63 -7.08 20.64
N ALA D 117 -2.83 -6.70 20.20
CA ALA D 117 -3.58 -5.68 20.91
C ALA D 117 -3.90 -6.10 22.33
N LYS D 118 -4.02 -7.41 22.57
CA LYS D 118 -4.22 -7.89 23.93
C LYS D 118 -3.02 -7.56 24.80
N ARG D 119 -1.81 -7.73 24.27
CA ARG D 119 -0.61 -7.42 25.06
C ARG D 119 -0.53 -5.93 25.39
N ALA D 120 -0.84 -5.07 24.41
CA ALA D 120 -0.84 -3.64 24.67
C ALA D 120 -1.90 -3.25 25.70
N ALA D 121 -3.08 -3.86 25.59
CA ALA D 121 -4.14 -3.58 26.55
C ALA D 121 -3.74 -4.02 27.95
N LEU D 122 -3.10 -5.18 28.07
CA LEU D 122 -2.63 -5.65 29.37
C LEU D 122 -1.54 -4.73 29.92
N MET D 123 -0.64 -4.25 29.06
CA MET D 123 0.40 -3.33 29.48
C MET D 123 -0.21 -2.05 30.04
N ILE D 124 -1.20 -1.49 29.33
CA ILE D 124 -1.81 -0.25 29.78
C ILE D 124 -2.62 -0.49 31.05
N LEU D 125 -3.27 -1.65 31.16
CA LEU D 125 -4.02 -1.97 32.38
C LEU D 125 -3.10 -2.09 33.58
N THR D 126 -1.93 -2.71 33.42
CA THR D 126 -1.01 -2.80 34.55
C THR D 126 -0.36 -1.46 34.86
N VAL D 127 -0.17 -0.60 33.84
CA VAL D 127 0.30 0.76 34.10
C VAL D 127 -0.70 1.50 34.97
N TRP D 128 -1.98 1.43 34.61
CA TRP D 128 -3.00 2.11 35.41
C TRP D 128 -3.14 1.47 36.78
N THR D 129 -2.95 0.16 36.89
CA THR D 129 -2.98 -0.50 38.20
C THR D 129 -1.87 0.02 39.09
N ILE D 130 -0.66 0.15 38.56
CA ILE D 130 0.44 0.71 39.35
C ILE D 130 0.12 2.15 39.74
N SER D 131 -0.38 2.95 38.79
CA SER D 131 -0.70 4.34 39.09
C SER D 131 -1.73 4.45 40.21
N ILE D 132 -2.74 3.58 40.18
CA ILE D 132 -3.74 3.56 41.25
C ILE D 132 -3.10 3.15 42.57
N PHE D 133 -2.23 2.15 42.53
CA PHE D 133 -1.59 1.67 43.76
C PHE D 133 -0.60 2.68 44.34
N ILE D 134 -0.18 3.68 43.59
CA ILE D 134 0.67 4.74 44.12
C ILE D 134 -0.14 6.02 44.37
N SER D 135 -1.46 5.92 44.41
CA SER D 135 -2.29 7.10 44.63
C SER D 135 -3.34 6.87 45.71
N MET D 136 -3.74 5.62 45.90
CA MET D 136 -4.79 5.25 46.85
C MET D 136 -4.33 5.16 48.31
N PRO D 137 -3.10 4.70 48.60
CA PRO D 137 -2.68 4.58 50.02
C PRO D 137 -2.90 5.85 50.83
N PRO D 138 -2.58 7.04 50.30
CA PRO D 138 -2.77 8.25 51.14
C PRO D 138 -4.22 8.59 51.42
N LEU D 139 -5.20 7.93 50.79
CA LEU D 139 -6.60 8.22 51.05
C LEU D 139 -7.12 7.52 52.30
N PHE D 140 -6.57 6.36 52.65
CA PHE D 140 -7.06 5.62 53.80
C PHE D 140 -6.76 6.34 55.12
N TRP D 141 -5.72 7.18 55.13
CA TRP D 141 -5.37 7.93 56.34
C TRP D 141 -6.37 9.04 56.60
N PRO D 151 -9.26 26.30 55.00
CA PRO D 151 -8.18 25.74 54.17
C PRO D 151 -7.42 26.81 53.40
N SER D 152 -7.97 27.21 52.26
CA SER D 152 -7.43 28.28 51.41
C SER D 152 -6.11 27.89 50.75
N GLN D 153 -5.61 26.70 51.04
CA GLN D 153 -4.37 26.22 50.45
C GLN D 153 -4.46 24.73 50.19
N CYS D 154 -3.68 24.26 49.23
CA CYS D 154 -3.49 22.83 48.97
C CYS D 154 -2.01 22.53 49.15
N THR D 155 -1.61 22.18 50.37
CA THR D 155 -0.23 21.88 50.69
C THR D 155 -0.06 20.36 50.71
N ILE D 156 0.98 19.87 50.05
CA ILE D 156 1.29 18.44 50.05
C ILE D 156 1.63 18.01 51.47
N GLN D 157 1.00 16.95 51.94
CA GLN D 157 1.15 16.50 53.33
C GLN D 157 2.22 15.41 53.37
N HIS D 158 3.44 15.79 53.71
CA HIS D 158 4.52 14.83 53.94
C HIS D 158 4.51 14.36 55.39
N ASP D 159 3.36 13.84 55.81
CA ASP D 159 3.14 13.46 57.20
C ASP D 159 3.74 12.11 57.53
N HIS D 160 3.56 11.13 56.66
CA HIS D 160 4.10 9.79 56.86
C HIS D 160 5.33 9.62 55.99
N VAL D 161 6.47 9.34 56.63
CA VAL D 161 7.72 9.19 55.90
C VAL D 161 7.71 7.93 55.04
N ILE D 162 7.10 6.85 55.54
CA ILE D 162 7.14 5.57 54.83
C ILE D 162 6.49 5.70 53.46
N TYR D 163 5.42 6.49 53.36
CA TYR D 163 4.79 6.70 52.07
C TYR D 163 5.62 7.59 51.15
N THR D 164 6.41 8.50 51.71
CA THR D 164 7.21 9.39 50.86
C THR D 164 8.22 8.60 50.03
N ILE D 165 8.93 7.66 50.64
CA ILE D 165 9.85 6.82 49.89
C ILE D 165 9.09 5.89 48.95
N TYR D 166 7.99 5.32 49.42
CA TYR D 166 7.22 4.40 48.58
C TYR D 166 6.66 5.11 47.35
N SER D 167 6.12 6.32 47.52
CA SER D 167 5.54 7.02 46.39
C SER D 167 6.61 7.49 45.41
N THR D 168 7.73 8.00 45.92
CA THR D 168 8.72 8.58 45.03
C THR D 168 9.56 7.53 44.31
N LEU D 169 9.82 6.38 44.94
CA LEU D 169 10.52 5.31 44.23
C LEU D 169 9.60 4.61 43.23
N GLY D 170 8.36 4.33 43.65
CA GLY D 170 7.44 3.63 42.79
C GLY D 170 7.06 4.40 41.54
N ALA D 171 6.97 5.72 41.65
CA ALA D 171 6.47 6.52 40.54
C ALA D 171 7.58 7.00 39.61
N PHE D 172 8.75 7.36 40.14
CA PHE D 172 9.80 7.94 39.30
C PHE D 172 11.05 7.10 39.26
N TYR D 173 11.64 6.76 40.41
CA TYR D 173 12.99 6.21 40.41
C TYR D 173 13.03 4.81 39.82
N ILE D 174 12.06 3.96 40.15
CA ILE D 174 11.99 2.64 39.51
C ILE D 174 11.76 2.76 38.01
N PRO D 175 10.79 3.54 37.51
CA PRO D 175 10.72 3.77 36.06
C PRO D 175 11.97 4.43 35.51
N LEU D 176 12.63 5.28 36.29
CA LEU D 176 13.87 5.91 35.81
C LEU D 176 14.93 4.86 35.52
N THR D 177 15.19 3.96 36.48
CA THR D 177 16.17 2.91 36.27
C THR D 177 15.75 1.99 35.15
N LEU D 178 14.46 1.63 35.08
CA LEU D 178 14.01 0.75 34.01
C LEU D 178 14.22 1.38 32.64
N ILE D 179 13.88 2.66 32.49
CA ILE D 179 14.04 3.34 31.21
C ILE D 179 15.51 3.44 30.85
N LEU D 180 16.36 3.77 31.83
CA LEU D 180 17.79 3.87 31.56
C LEU D 180 18.35 2.53 31.09
N ILE D 181 17.99 1.45 31.76
CA ILE D 181 18.50 0.13 31.37
C ILE D 181 17.98 -0.27 30.00
N LEU D 182 16.67 -0.11 29.77
CA LEU D 182 16.08 -0.55 28.53
C LEU D 182 16.47 0.30 27.34
N TYR D 183 16.96 1.52 27.54
CA TYR D 183 17.45 2.30 26.42
C TYR D 183 18.96 2.17 26.24
N TYR D 184 19.71 1.90 27.30
CA TYR D 184 21.11 1.52 27.15
C TYR D 184 21.25 0.22 26.39
N ARG D 185 20.38 -0.75 26.69
CA ARG D 185 20.40 -2.01 25.97
C ARG D 185 20.02 -1.84 24.51
N ILE D 186 19.03 -0.97 24.22
CA ILE D 186 18.68 -0.68 22.83
C ILE D 186 19.83 0.01 22.13
N TYR D 187 20.55 0.88 22.84
CA TYR D 187 21.71 1.54 22.22
C TYR D 187 22.77 0.53 21.84
N HIS D 188 23.08 -0.42 22.73
CA HIS D 188 24.04 -1.47 22.37
C HIS D 188 23.52 -2.36 21.24
N ALA D 189 22.22 -2.65 21.24
CA ALA D 189 21.65 -3.46 20.16
C ALA D 189 21.81 -2.76 18.82
N ALA D 190 21.58 -1.45 18.78
CA ALA D 190 21.79 -0.70 17.55
C ALA D 190 23.27 -0.63 17.20
N LYS D 191 24.13 -0.51 18.21
CA LYS D 191 25.57 -0.43 17.96
C LYS D 191 26.09 -1.70 17.32
N SER D 192 25.61 -2.86 17.78
CA SER D 192 26.05 -4.13 17.20
C SER D 192 25.71 -4.20 15.71
N LEU D 193 24.51 -3.73 15.34
CA LEU D 193 24.13 -3.71 13.93
C LEU D 193 25.04 -2.77 13.13
N TYR D 194 25.33 -1.59 13.69
CA TYR D 194 26.10 -0.60 12.95
C TYR D 194 27.54 -1.05 12.74
N GLN D 195 28.15 -1.68 13.75
CA GLN D 195 29.59 -1.95 13.70
C GLN D 195 29.93 -3.08 12.74
N LYS D 196 28.98 -3.98 12.46
CA LYS D 196 29.27 -5.14 11.62
C LYS D 196 29.09 -4.85 10.13
N ARG D 197 28.78 -3.62 9.75
CA ARG D 197 28.70 -3.25 8.35
C ARG D 197 29.47 -1.96 8.07
N SER D 264 28.61 6.09 11.02
CA SER D 264 28.95 7.40 11.55
C SER D 264 27.70 8.25 11.78
N THR D 265 27.05 8.64 10.68
CA THR D 265 25.83 9.44 10.79
C THR D 265 24.68 8.64 11.39
N ARG D 266 24.61 7.34 11.10
CA ARG D 266 23.57 6.50 11.71
C ARG D 266 23.80 6.37 13.21
N GLU D 267 25.04 6.17 13.63
CA GLU D 267 25.35 6.14 15.06
C GLU D 267 25.06 7.50 15.71
N ARG D 268 25.37 8.58 15.01
CA ARG D 268 25.07 9.92 15.53
C ARG D 268 23.58 10.10 15.75
N LYS D 269 22.77 9.71 14.77
CA LYS D 269 21.32 9.83 14.90
C LYS D 269 20.79 8.94 16.01
N ALA D 270 21.30 7.71 16.11
CA ALA D 270 20.85 6.80 17.17
C ALA D 270 21.20 7.35 18.55
N ALA D 271 22.38 7.96 18.71
CA ALA D 271 22.72 8.57 19.98
C ALA D 271 21.89 9.81 20.26
N ARG D 272 21.65 10.64 19.24
CA ARG D 272 20.93 11.89 19.45
C ARG D 272 19.47 11.65 19.81
N ILE D 273 18.83 10.70 19.15
CA ILE D 273 17.41 10.44 19.45
C ILE D 273 17.25 9.88 20.86
N LEU D 274 18.12 8.94 21.24
CA LEU D 274 18.05 8.40 22.60
C LEU D 274 18.37 9.48 23.63
N GLY D 275 19.32 10.36 23.33
CA GLY D 275 19.61 11.46 24.23
C GLY D 275 18.43 12.40 24.38
N LEU D 276 17.75 12.71 23.27
CA LEU D 276 16.58 13.57 23.35
C LEU D 276 15.45 12.91 24.11
N ILE D 277 15.28 11.60 23.98
CA ILE D 277 14.23 10.89 24.70
C ILE D 277 14.54 10.84 26.19
N LEU D 278 15.80 10.59 26.56
CA LEU D 278 16.14 10.39 27.96
C LEU D 278 16.31 11.73 28.69
N GLY D 279 17.05 12.66 28.10
CA GLY D 279 17.31 13.93 28.77
C GLY D 279 16.07 14.76 29.00
N ALA D 280 15.08 14.67 28.11
CA ALA D 280 13.83 15.36 28.35
C ALA D 280 13.11 14.80 29.57
N PHE D 281 13.02 13.47 29.65
CA PHE D 281 12.39 12.83 30.79
C PHE D 281 13.16 13.10 32.08
N ILE D 282 14.47 13.30 31.99
CA ILE D 282 15.24 13.68 33.17
C ILE D 282 14.95 15.12 33.56
N LEU D 283 15.26 16.06 32.67
CA LEU D 283 15.16 17.49 32.96
C LEU D 283 13.73 17.91 33.29
N SER D 284 12.72 17.14 32.91
CA SER D 284 11.36 17.52 33.25
C SER D 284 10.94 17.03 34.62
N TRP D 285 11.32 15.81 35.02
CA TRP D 285 10.78 15.18 36.22
C TRP D 285 11.77 15.09 37.38
N LEU D 286 13.04 14.86 37.11
CA LEU D 286 14.00 14.60 38.18
C LEU D 286 14.09 15.74 39.22
N PRO D 287 14.14 17.02 38.85
CA PRO D 287 14.19 18.06 39.90
C PRO D 287 13.03 17.99 40.87
N PHE D 288 11.81 17.73 40.37
CA PHE D 288 10.66 17.69 41.26
C PHE D 288 10.77 16.53 42.24
N PHE D 289 11.17 15.36 41.78
CA PHE D 289 11.25 14.23 42.70
C PHE D 289 12.46 14.33 43.63
N ILE D 290 13.54 14.99 43.21
CA ILE D 290 14.65 15.17 44.13
C ILE D 290 14.28 16.17 45.23
N LYS D 291 13.53 17.23 44.87
CA LYS D 291 13.07 18.13 45.93
C LYS D 291 12.05 17.45 46.83
N GLU D 292 11.23 16.54 46.28
CA GLU D 292 10.31 15.78 47.10
C GLU D 292 11.07 14.89 48.08
N LEU D 293 12.15 14.25 47.61
CA LEU D 293 12.96 13.43 48.49
C LEU D 293 13.61 14.27 49.58
N ILE D 294 14.05 15.47 49.23
CA ILE D 294 14.64 16.37 50.23
C ILE D 294 13.61 16.76 51.29
N VAL D 295 12.44 17.22 50.83
CA VAL D 295 11.45 17.79 51.75
C VAL D 295 10.83 16.70 52.61
N GLY D 296 10.46 15.58 52.00
CA GLY D 296 9.78 14.52 52.73
C GLY D 296 10.63 13.88 53.81
N LEU D 297 11.96 14.01 53.71
CA LEU D 297 12.85 13.52 54.75
C LEU D 297 13.18 14.57 55.80
N SER D 298 12.53 15.73 55.73
CA SER D 298 12.77 16.83 56.67
C SER D 298 14.24 17.27 56.65
N ILE D 299 14.80 17.37 55.45
CA ILE D 299 16.18 17.78 55.29
C ILE D 299 16.25 19.30 55.18
N TYR D 300 15.61 19.85 54.14
CA TYR D 300 15.59 21.29 53.93
C TYR D 300 14.17 21.80 53.71
N THR D 301 14.05 23.06 53.34
CA THR D 301 12.77 23.67 53.02
C THR D 301 12.89 24.44 51.70
N VAL D 302 11.81 24.45 50.93
CA VAL D 302 11.80 25.08 49.61
C VAL D 302 10.64 26.07 49.55
N SER D 303 10.86 27.20 48.90
CA SER D 303 9.83 28.23 48.79
C SER D 303 8.73 27.77 47.84
N SER D 304 7.58 28.44 47.93
CA SER D 304 6.43 28.10 47.09
C SER D 304 6.69 28.35 45.62
N GLU D 305 7.41 29.42 45.26
CA GLU D 305 7.69 29.73 43.87
C GLU D 305 8.60 28.68 43.22
N VAL D 306 9.65 28.24 43.91
CA VAL D 306 10.53 27.22 43.35
C VAL D 306 9.80 25.90 43.22
N ALA D 307 9.00 25.54 44.23
CA ALA D 307 8.22 24.30 44.15
C ALA D 307 7.24 24.36 42.99
N ASP D 308 6.60 25.51 42.78
CA ASP D 308 5.68 25.66 41.65
C ASP D 308 6.43 25.57 40.32
N PHE D 309 7.62 26.16 40.24
CA PHE D 309 8.39 26.10 39.01
C PHE D 309 8.77 24.66 38.67
N LEU D 310 9.23 23.91 39.67
CA LEU D 310 9.58 22.51 39.41
C LEU D 310 8.35 21.66 39.12
N THR D 311 7.21 21.99 39.75
CA THR D 311 5.97 21.29 39.45
C THR D 311 5.56 21.48 37.99
N TRP D 312 5.65 22.72 37.49
CA TRP D 312 5.27 22.94 36.09
C TRP D 312 6.33 22.44 35.13
N LEU D 313 7.59 22.38 35.56
CA LEU D 313 8.62 21.70 34.77
C LEU D 313 8.29 20.21 34.65
N GLY D 314 7.73 19.62 35.69
CA GLY D 314 7.20 18.27 35.56
C GLY D 314 5.99 18.20 34.64
N TYR D 315 5.12 19.20 34.72
CA TYR D 315 3.90 19.19 33.92
C TYR D 315 4.21 19.24 32.42
N VAL D 316 5.19 20.05 32.02
CA VAL D 316 5.46 20.25 30.59
C VAL D 316 5.97 18.99 29.91
N ASN D 317 6.23 17.91 30.66
CA ASN D 317 6.48 16.64 30.00
C ASN D 317 5.26 16.18 29.21
N SER D 318 4.07 16.58 29.64
CA SER D 318 2.87 16.31 28.86
C SER D 318 2.93 16.97 27.50
N LEU D 319 3.52 18.17 27.42
CA LEU D 319 3.76 18.82 26.14
C LEU D 319 4.85 18.12 25.35
N ILE D 320 5.95 17.76 26.02
CA ILE D 320 7.12 17.23 25.32
C ILE D 320 6.86 15.85 24.74
N ASN D 321 6.09 15.02 25.45
CA ASN D 321 5.98 13.61 25.08
C ASN D 321 5.48 13.36 23.66
N PRO D 322 4.40 14.01 23.18
CA PRO D 322 4.01 13.76 21.77
C PRO D 322 5.10 14.13 20.78
N LEU D 323 5.85 15.19 21.06
CA LEU D 323 6.94 15.59 20.16
C LEU D 323 8.00 14.50 20.07
N LEU D 324 8.37 13.90 21.20
CA LEU D 324 9.39 12.86 21.18
C LEU D 324 8.87 11.58 20.55
N TYR D 325 7.63 11.20 20.85
CA TYR D 325 7.13 9.89 20.49
C TYR D 325 6.32 9.87 19.20
N THR D 326 6.19 10.99 18.51
CA THR D 326 5.51 10.96 17.22
C THR D 326 6.32 11.59 16.10
N SER D 327 7.07 12.67 16.39
CA SER D 327 7.78 13.39 15.34
C SER D 327 8.94 12.60 14.75
N PHE D 328 9.39 11.54 15.40
CA PHE D 328 10.51 10.75 14.91
C PHE D 328 10.08 9.53 14.13
N ASN D 329 8.78 9.33 13.92
CA ASN D 329 8.26 8.20 13.19
C ASN D 329 7.77 8.66 11.83
N GLU D 330 8.20 7.95 10.77
CA GLU D 330 7.83 8.34 9.41
C GLU D 330 6.33 8.20 9.19
N ASP D 331 5.73 7.13 9.70
CA ASP D 331 4.29 6.95 9.55
C ASP D 331 3.52 8.05 10.27
N PHE D 332 3.97 8.42 11.47
CA PHE D 332 3.32 9.49 12.21
C PHE D 332 3.46 10.82 11.48
N LYS D 333 4.64 11.09 10.91
CA LYS D 333 4.83 12.32 10.16
C LYS D 333 3.92 12.35 8.93
N LEU D 334 3.79 11.22 8.24
CA LEU D 334 2.89 11.16 7.09
C LEU D 334 1.44 11.39 7.51
N ALA D 335 1.03 10.81 8.63
CA ALA D 335 -0.33 11.01 9.11
C ALA D 335 -0.56 12.47 9.49
N PHE D 336 0.43 13.11 10.11
CA PHE D 336 0.31 14.53 10.44
C PHE D 336 0.20 15.37 9.18
N LYS D 337 0.99 15.04 8.16
CA LYS D 337 0.92 15.77 6.90
C LYS D 337 -0.45 15.62 6.24
N LYS D 338 -1.01 14.40 6.28
CA LYS D 338 -2.34 14.19 5.71
C LYS D 338 -3.40 14.99 6.45
N LEU D 339 -3.30 15.05 7.77
CA LEU D 339 -4.29 15.77 8.58
C LEU D 339 -4.13 17.28 8.42
#